data_5V2S
#
_entry.id   5V2S
#
_cell.length_a   118.660
_cell.length_b   118.660
_cell.length_c   216.464
_cell.angle_alpha   90.00
_cell.angle_beta   90.00
_cell.angle_gamma   120.00
#
_symmetry.space_group_name_H-M   'P 3 2 1'
#
loop_
_entity.id
_entity.type
_entity.pdbx_description
1 polymer 'Envelope glycoprotein B'
2 branched 2-acetamido-2-deoxy-beta-D-glucopyranose-(1-4)-2-acetamido-2-deoxy-beta-D-glucopyranose
3 non-polymer 2-acetamido-2-deoxy-beta-D-glucopyranose
#
_entity_poly.entity_id   1
_entity_poly.type   'polypeptide(L)'
_entity_poly.pdbx_seq_one_letter_code
;NKKPKNPTPPRPAGDNATVAAGHATLREHLRDIKAENTDANFYVCPPPTGATVVQFEQPRRCPTRPEGQNYTEGIAVVFK
ENIAPYKFKATMYYKDVTVSQVWFGHRYSQFMGIFEDRAPVPFEEVIDKINAKGVCRSTAKYVRNNLETTAFHRDDHETD
MELKPANAATRTSRGWHTTDLKYNPSRVEAFHRYGTTVNCIVEEVDARSVYPYDEFVLATGDFVYMSPFYGYREGSHTEH
TSYAADRFKQVDGFYARDLTTKARATAPTTRNLLTTPKFTVAWDWVPKRPSVCTMTKWQEVDEMLRSEYGGSFRFSSDAI
STTFTTNLTEYPLSRVDLGDCIGKDARDAMDRIFARRYNATHIKVGQPQYYLANGGFLIAYQPLLSNTLAELYVREHLRE
QSRKPPNPTPPPPGASANASVERIKTTSSIEFARLQFTYNHIQRHVNDMLGRVAIAWCELQNHELTLWNEARKLNPNAIA
SVTVGRRVSARMLGDVMAVSTCVPVAADNVIVQNSMRISSRPGACYSRPLVSFRYEDQGPLVEGQLGENNELRLTRDAIE
PCTVGHRRYFTFGGGYVYFEEYAYSHQLSRADITTVSTFIDLNITMLEDHEFVPLEVYTRHEIKDSGLLDYTEVQRRNQL
HDLRFADIDTVIHADANAAMFAGLGAFFEGMGDLGRAVGKVVMGIVGGVVSAVSGVSSFMSNPFGALAVGLLVLAGLAAA
FFAFRYVMRLQSNPMKALYPLTTKELKNPTNPDASGEGEEGGDFDEAKLAEAREMIRYMALVSAMERTEHKAKKKGTSAL
LSAKVTDMVMRKRRNTNYTQVPNKDGDADEDDLGSHHHHHH
;
_entity_poly.pdbx_strand_id   A
#
# COMPACT_ATOMS: atom_id res chain seq x y z
N ILE A 33 34.58 -83.79 11.64
CA ILE A 33 33.74 -82.75 11.03
C ILE A 33 33.35 -81.71 12.06
N LYS A 34 33.45 -80.44 11.67
CA LYS A 34 33.21 -79.33 12.58
C LYS A 34 32.37 -78.28 11.88
N ALA A 35 31.80 -77.37 12.68
CA ALA A 35 31.05 -76.25 12.11
C ALA A 35 31.98 -75.34 11.32
N GLU A 36 31.52 -74.87 10.17
CA GLU A 36 32.31 -74.02 9.29
C GLU A 36 31.93 -72.56 9.41
N ASN A 37 30.64 -72.23 9.27
CA ASN A 37 30.16 -70.87 9.48
C ASN A 37 29.89 -70.67 10.96
N THR A 38 30.73 -69.88 11.63
CA THR A 38 30.65 -69.68 13.07
C THR A 38 29.79 -68.48 13.45
N ASP A 39 28.84 -68.08 12.61
CA ASP A 39 27.99 -66.93 12.91
C ASP A 39 26.98 -67.20 14.00
N ALA A 40 26.89 -68.43 14.51
CA ALA A 40 25.90 -68.79 15.51
C ALA A 40 26.56 -69.48 16.69
N ASN A 41 26.02 -69.21 17.88
CA ASN A 41 26.36 -69.95 19.08
C ASN A 41 25.33 -71.05 19.29
N PHE A 42 25.79 -72.26 19.58
CA PHE A 42 24.86 -73.31 19.93
C PHE A 42 24.34 -73.08 21.34
N TYR A 43 23.28 -73.81 21.69
CA TYR A 43 22.64 -73.65 22.99
C TYR A 43 22.18 -75.00 23.50
N VAL A 44 22.66 -75.38 24.68
CA VAL A 44 22.13 -76.54 25.40
C VAL A 44 21.02 -76.07 26.31
N CYS A 45 19.82 -76.60 26.10
CA CYS A 45 18.63 -76.16 26.82
C CYS A 45 18.05 -77.31 27.65
N PRO A 46 18.18 -77.28 28.97
CA PRO A 46 17.60 -78.34 29.79
C PRO A 46 16.14 -78.04 30.13
N PRO A 47 15.42 -79.02 30.67
CA PRO A 47 14.01 -78.77 31.06
C PRO A 47 13.92 -77.72 32.15
N PRO A 48 12.74 -77.11 32.32
CA PRO A 48 12.61 -76.04 33.32
C PRO A 48 12.06 -76.51 34.66
N THR A 49 12.47 -75.84 35.73
CA THR A 49 11.86 -76.03 37.04
C THR A 49 10.76 -74.98 37.25
N GLY A 50 9.92 -75.24 38.25
CA GLY A 50 8.80 -74.35 38.53
C GLY A 50 9.19 -73.02 39.15
N ALA A 51 10.50 -72.74 39.23
CA ALA A 51 10.97 -71.51 39.85
C ALA A 51 10.63 -70.29 39.01
N THR A 52 11.16 -70.23 37.79
CA THR A 52 10.96 -69.09 36.90
C THR A 52 9.69 -69.31 36.10
N VAL A 53 8.78 -68.34 36.17
CA VAL A 53 7.47 -68.43 35.57
C VAL A 53 7.05 -67.05 35.06
N VAL A 54 6.71 -66.96 33.79
CA VAL A 54 6.30 -65.71 33.15
C VAL A 54 4.95 -65.92 32.47
N GLN A 55 4.37 -64.82 32.00
CA GLN A 55 3.04 -64.83 31.42
C GLN A 55 2.99 -63.88 30.23
N PHE A 56 1.98 -64.07 29.38
CA PHE A 56 1.78 -63.21 28.22
C PHE A 56 1.00 -61.96 28.62
N GLU A 57 1.36 -60.83 28.01
CA GLU A 57 0.63 -59.60 28.26
C GLU A 57 -0.73 -59.65 27.57
N GLN A 58 -1.73 -59.05 28.21
CA GLN A 58 -3.10 -59.06 27.72
C GLN A 58 -3.34 -57.88 26.81
N PRO A 59 -4.47 -57.89 26.02
CA PRO A 59 -4.78 -56.77 25.11
C PRO A 59 -4.75 -55.38 25.77
N ARG A 60 -4.65 -54.34 24.94
CA ARG A 60 -4.53 -52.96 25.42
C ARG A 60 -5.73 -52.12 24.99
N ARG A 61 -5.90 -50.99 25.66
CA ARG A 61 -6.95 -50.04 25.31
C ARG A 61 -6.47 -49.16 24.17
N CYS A 62 -7.10 -49.27 23.03
CA CYS A 62 -6.63 -48.48 21.90
C CYS A 62 -7.23 -47.08 21.94
N PRO A 63 -6.50 -46.08 21.42
CA PRO A 63 -7.02 -44.71 21.46
C PRO A 63 -8.35 -44.59 20.75
N THR A 64 -9.28 -43.85 21.36
CA THR A 64 -10.52 -43.52 20.70
C THR A 64 -10.27 -42.51 19.60
N ARG A 65 -10.90 -42.72 18.45
CA ARG A 65 -10.84 -41.74 17.37
C ARG A 65 -11.56 -40.49 17.83
N PRO A 66 -10.91 -39.33 17.87
CA PRO A 66 -11.57 -38.11 18.38
C PRO A 66 -12.84 -37.80 17.59
N GLU A 67 -13.83 -37.22 18.28
CA GLU A 67 -15.15 -37.05 17.68
C GLU A 67 -15.05 -36.10 16.49
N GLY A 68 -14.25 -35.04 16.65
CA GLY A 68 -13.98 -34.17 15.52
C GLY A 68 -14.61 -32.78 15.69
N GLN A 69 -14.12 -31.88 14.86
CA GLN A 69 -14.54 -30.50 14.92
C GLN A 69 -15.92 -30.33 14.29
N ASN A 70 -16.63 -29.30 14.73
CA ASN A 70 -17.89 -28.88 14.11
C ASN A 70 -17.72 -27.50 13.51
N TYR A 71 -18.21 -27.33 12.29
CA TYR A 71 -18.03 -26.11 11.53
C TYR A 71 -19.37 -25.45 11.29
N THR A 72 -19.37 -24.12 11.34
CA THR A 72 -20.55 -23.32 11.07
C THR A 72 -20.43 -22.75 9.66
N GLU A 73 -21.40 -23.06 8.81
CA GLU A 73 -21.42 -22.52 7.45
C GLU A 73 -21.96 -21.11 7.47
N GLY A 74 -21.28 -20.21 6.76
CA GLY A 74 -21.69 -18.82 6.75
C GLY A 74 -21.13 -18.09 5.55
N ILE A 75 -21.62 -16.87 5.37
CA ILE A 75 -21.15 -15.96 4.33
C ILE A 75 -20.42 -14.80 4.99
N ALA A 76 -19.27 -14.42 4.44
CA ALA A 76 -18.48 -13.40 5.11
C ALA A 76 -17.96 -12.37 4.13
N VAL A 77 -17.94 -11.11 4.57
CA VAL A 77 -17.38 -10.02 3.79
C VAL A 77 -16.31 -9.34 4.64
N VAL A 78 -15.08 -9.34 4.14
CA VAL A 78 -13.93 -8.87 4.88
C VAL A 78 -13.60 -7.46 4.41
N PHE A 79 -13.57 -6.52 5.37
CA PHE A 79 -13.26 -5.11 5.15
C PHE A 79 -11.87 -4.81 5.68
N LYS A 80 -11.23 -3.80 5.06
CA LYS A 80 -9.89 -3.37 5.42
C LYS A 80 -9.88 -1.87 5.67
N GLU A 81 -8.73 -1.36 6.09
CA GLU A 81 -8.58 0.09 6.28
C GLU A 81 -8.54 0.79 4.93
N ASN A 82 -9.25 1.90 4.82
CA ASN A 82 -9.28 2.69 3.59
C ASN A 82 -8.09 3.64 3.56
N ILE A 83 -7.32 3.57 2.49
CA ILE A 83 -6.23 4.52 2.24
C ILE A 83 -6.52 5.42 1.07
N ALA A 84 -7.63 5.21 0.36
CA ALA A 84 -7.95 6.06 -0.77
C ALA A 84 -8.49 7.40 -0.28
N PRO A 85 -8.04 8.51 -0.83
CA PRO A 85 -8.61 9.80 -0.47
C PRO A 85 -10.03 9.93 -0.99
N TYR A 86 -10.87 10.60 -0.21
CA TYR A 86 -12.19 10.98 -0.70
C TYR A 86 -12.03 11.88 -1.92
N LYS A 87 -12.76 11.57 -2.99
CA LYS A 87 -12.59 12.24 -4.27
C LYS A 87 -13.91 12.81 -4.73
N PHE A 88 -13.93 14.11 -5.02
CA PHE A 88 -15.12 14.79 -5.49
C PHE A 88 -14.72 15.87 -6.49
N LYS A 89 -15.54 16.05 -7.51
CA LYS A 89 -15.25 17.00 -8.59
C LYS A 89 -15.75 18.39 -8.24
N ALA A 90 -14.98 19.41 -8.64
CA ALA A 90 -15.32 20.80 -8.38
C ALA A 90 -14.97 21.63 -9.60
N THR A 91 -15.41 22.89 -9.58
CA THR A 91 -15.16 23.81 -10.69
C THR A 91 -14.45 25.06 -10.17
N MET A 92 -13.43 25.48 -10.89
CA MET A 92 -12.63 26.65 -10.56
C MET A 92 -12.96 27.79 -11.50
N TYR A 93 -13.11 28.98 -10.93
CA TYR A 93 -13.35 30.22 -11.65
C TYR A 93 -12.26 31.20 -11.27
N TYR A 94 -11.52 31.70 -12.25
CA TYR A 94 -10.50 32.70 -11.98
C TYR A 94 -10.14 33.40 -13.27
N LYS A 95 -9.39 34.51 -13.14
CA LYS A 95 -8.95 35.29 -14.30
C LYS A 95 -7.46 35.57 -14.19
N ASP A 96 -6.71 35.13 -15.19
CA ASP A 96 -5.30 35.46 -15.27
C ASP A 96 -5.13 36.91 -15.73
N VAL A 97 -4.24 37.65 -15.04
CA VAL A 97 -3.98 39.05 -15.34
C VAL A 97 -2.48 39.24 -15.56
N THR A 98 -2.14 40.14 -16.47
CA THR A 98 -0.74 40.43 -16.81
C THR A 98 -0.62 41.88 -17.22
N VAL A 99 0.52 42.48 -16.89
CA VAL A 99 0.90 43.81 -17.36
C VAL A 99 2.38 43.76 -17.72
N SER A 100 2.70 44.22 -18.93
CA SER A 100 4.06 44.14 -19.46
C SER A 100 4.61 45.54 -19.60
N GLN A 101 5.69 45.83 -18.88
CA GLN A 101 6.44 47.07 -19.05
C GLN A 101 7.39 46.86 -20.23
N VAL A 102 6.91 47.19 -21.41
CA VAL A 102 7.69 47.09 -22.63
C VAL A 102 8.49 48.39 -22.80
N TRP A 103 9.76 48.24 -23.13
CA TRP A 103 10.64 49.34 -23.47
C TRP A 103 11.15 49.15 -24.88
N PHE A 104 11.38 50.26 -25.58
CA PHE A 104 11.65 50.24 -27.01
C PHE A 104 12.99 50.88 -27.28
N GLY A 105 13.91 50.10 -27.85
CA GLY A 105 15.16 50.63 -28.37
C GLY A 105 14.95 51.27 -29.71
N HIS A 106 16.00 51.27 -30.54
CA HIS A 106 15.83 51.81 -31.88
C HIS A 106 15.34 50.76 -32.86
N ARG A 107 16.00 49.60 -32.90
CA ARG A 107 15.59 48.51 -33.78
C ARG A 107 15.37 47.23 -32.98
N TYR A 108 14.84 47.36 -31.77
CA TYR A 108 14.46 46.21 -30.96
C TYR A 108 13.42 46.67 -29.94
N SER A 109 13.00 45.72 -29.08
CA SER A 109 12.03 46.01 -28.04
C SER A 109 12.22 45.00 -26.91
N GLN A 110 12.29 45.50 -25.69
CA GLN A 110 12.55 44.66 -24.52
C GLN A 110 11.28 44.47 -23.69
N PHE A 111 11.40 43.63 -22.66
CA PHE A 111 10.45 43.53 -21.57
C PHE A 111 11.17 43.90 -20.29
N MET A 112 10.73 44.99 -19.64
CA MET A 112 11.33 45.37 -18.37
C MET A 112 10.70 44.61 -17.21
N GLY A 113 9.48 44.13 -17.37
CA GLY A 113 8.79 43.36 -16.35
C GLY A 113 7.48 42.83 -16.84
N ILE A 114 7.09 41.64 -16.39
CA ILE A 114 5.80 41.03 -16.74
C ILE A 114 5.14 40.61 -15.44
N PHE A 115 4.21 41.42 -14.95
CA PHE A 115 3.50 41.14 -13.71
C PHE A 115 2.25 40.31 -14.01
N GLU A 116 2.16 39.13 -13.41
CA GLU A 116 1.03 38.21 -13.60
C GLU A 116 0.43 37.87 -12.24
N ASP A 117 -0.89 37.91 -12.16
CA ASP A 117 -1.59 37.60 -10.92
C ASP A 117 -2.89 36.89 -11.25
N ARG A 118 -3.49 36.27 -10.25
CA ARG A 118 -4.74 35.54 -10.40
C ARG A 118 -5.86 36.29 -9.67
N ALA A 119 -6.96 36.50 -10.38
CA ALA A 119 -8.09 37.26 -9.87
C ALA A 119 -9.23 36.32 -9.53
N PRO A 120 -9.70 36.33 -8.28
CA PRO A 120 -10.86 35.51 -7.93
C PRO A 120 -12.16 36.07 -8.50
N VAL A 121 -12.75 35.36 -9.46
CA VAL A 121 -14.01 35.77 -10.08
C VAL A 121 -15.09 35.81 -9.00
N PRO A 122 -15.71 36.96 -8.76
CA PRO A 122 -16.66 37.07 -7.65
C PRO A 122 -17.92 36.26 -7.88
N PHE A 123 -18.72 36.16 -6.81
CA PHE A 123 -19.96 35.40 -6.83
C PHE A 123 -20.92 35.94 -7.89
N GLU A 124 -21.11 37.26 -7.91
CA GLU A 124 -22.10 37.86 -8.81
C GLU A 124 -21.79 37.57 -10.27
N GLU A 125 -20.51 37.67 -10.65
CA GLU A 125 -20.13 37.42 -12.04
C GLU A 125 -20.34 35.97 -12.43
N VAL A 126 -20.19 35.05 -11.48
CA VAL A 126 -20.41 33.63 -11.77
C VAL A 126 -21.90 33.35 -11.95
N ILE A 127 -22.72 33.84 -11.03
CA ILE A 127 -24.14 33.46 -11.04
C ILE A 127 -24.88 34.13 -12.18
N ASP A 128 -24.51 35.37 -12.52
CA ASP A 128 -25.32 36.20 -13.41
C ASP A 128 -24.79 36.25 -14.84
N LYS A 129 -23.50 36.04 -15.07
CA LYS A 129 -22.93 36.15 -16.41
C LYS A 129 -22.43 34.83 -16.96
N ILE A 130 -21.67 34.07 -16.18
CA ILE A 130 -21.16 32.79 -16.65
C ILE A 130 -22.26 31.74 -16.65
N ASN A 131 -22.93 31.57 -15.52
CA ASN A 131 -23.98 30.55 -15.42
C ASN A 131 -25.23 30.97 -16.18
N ALA A 132 -25.64 32.22 -16.04
CA ALA A 132 -26.91 32.65 -16.62
C ALA A 132 -26.76 32.95 -18.12
N LYS A 133 -25.68 33.62 -18.51
CA LYS A 133 -25.51 34.06 -19.89
C LYS A 133 -24.43 33.33 -20.67
N GLY A 134 -23.48 32.69 -19.99
CA GLY A 134 -22.39 32.02 -20.69
C GLY A 134 -21.32 32.94 -21.21
N VAL A 135 -21.21 34.15 -20.65
CA VAL A 135 -20.19 35.12 -21.04
C VAL A 135 -19.51 35.65 -19.79
N CYS A 136 -18.31 36.20 -19.97
CA CYS A 136 -17.46 36.56 -18.86
C CYS A 136 -16.85 37.94 -19.10
N ARG A 137 -16.81 38.76 -18.04
CA ARG A 137 -16.40 40.15 -18.17
C ARG A 137 -14.91 40.27 -18.50
N SER A 138 -14.51 41.50 -18.81
CA SER A 138 -13.13 41.82 -19.18
C SER A 138 -12.42 42.68 -18.14
N THR A 139 -13.01 42.87 -16.97
CA THR A 139 -12.41 43.62 -15.89
C THR A 139 -12.29 42.73 -14.66
N ALA A 140 -11.23 42.94 -13.87
CA ALA A 140 -10.94 42.12 -12.71
C ALA A 140 -10.66 43.02 -11.51
N LYS A 141 -11.46 42.90 -10.47
CA LYS A 141 -11.31 43.72 -9.27
C LYS A 141 -11.24 42.82 -8.04
N TYR A 142 -10.20 42.99 -7.23
CA TYR A 142 -10.01 42.10 -6.10
C TYR A 142 -9.13 42.75 -5.04
N VAL A 143 -9.14 42.15 -3.86
CA VAL A 143 -8.25 42.55 -2.78
C VAL A 143 -6.89 41.88 -2.98
N ARG A 144 -5.82 42.58 -2.61
CA ARG A 144 -4.47 42.05 -2.71
C ARG A 144 -3.50 42.95 -1.94
N ASN A 145 -2.67 42.36 -1.08
CA ASN A 145 -1.71 43.10 -0.26
C ASN A 145 -2.42 44.20 0.52
N ASN A 146 -3.68 43.94 0.91
CA ASN A 146 -4.56 44.86 1.62
C ASN A 146 -4.97 46.06 0.77
N LEU A 147 -4.46 46.22 -0.45
CA LEU A 147 -4.85 47.31 -1.32
C LEU A 147 -5.80 46.80 -2.39
N GLU A 148 -7.01 47.34 -2.41
CA GLU A 148 -7.96 46.99 -3.45
C GLU A 148 -7.45 47.40 -4.82
N THR A 149 -7.59 46.50 -5.80
CA THR A 149 -7.06 46.74 -7.13
C THR A 149 -8.12 46.42 -8.18
N THR A 150 -8.01 47.09 -9.33
CA THR A 150 -8.94 46.99 -10.43
C THR A 150 -8.16 47.05 -11.73
N ALA A 151 -8.48 46.16 -12.67
CA ALA A 151 -7.70 46.00 -13.89
C ALA A 151 -8.60 45.82 -15.11
N PHE A 152 -8.17 46.38 -16.22
CA PHE A 152 -8.89 46.35 -17.49
C PHE A 152 -8.12 45.53 -18.52
N HIS A 153 -8.84 45.02 -19.51
CA HIS A 153 -8.26 44.22 -20.59
C HIS A 153 -7.82 45.15 -21.72
N ARG A 154 -6.54 45.06 -22.09
CA ARG A 154 -5.93 45.90 -23.13
C ARG A 154 -6.04 47.38 -22.81
N ASP A 155 -6.20 47.72 -21.52
CA ASP A 155 -6.45 49.10 -21.08
C ASP A 155 -7.61 49.71 -21.87
N ASP A 156 -8.72 48.97 -21.91
CA ASP A 156 -9.90 49.33 -22.71
C ASP A 156 -11.11 49.35 -21.78
N HIS A 157 -12.26 49.71 -22.36
CA HIS A 157 -13.49 49.78 -21.58
C HIS A 157 -14.01 48.39 -21.25
N GLU A 158 -14.93 48.34 -20.29
CA GLU A 158 -15.48 47.08 -19.81
C GLU A 158 -16.38 46.44 -20.86
N THR A 159 -16.22 45.13 -21.06
CA THR A 159 -16.97 44.42 -22.08
C THR A 159 -17.21 42.99 -21.64
N ASP A 160 -18.45 42.50 -21.83
CA ASP A 160 -18.75 41.09 -21.62
C ASP A 160 -18.33 40.31 -22.87
N MET A 161 -17.52 39.28 -22.66
CA MET A 161 -16.88 38.56 -23.75
C MET A 161 -17.35 37.11 -23.81
N GLU A 162 -17.36 36.58 -25.04
CA GLU A 162 -17.82 35.22 -25.28
C GLU A 162 -16.84 34.21 -24.69
N LEU A 163 -17.37 33.29 -23.90
CA LEU A 163 -16.56 32.22 -23.30
C LEU A 163 -16.31 31.13 -24.34
N LYS A 164 -15.05 30.97 -24.74
CA LYS A 164 -14.69 30.04 -25.80
C LYS A 164 -14.07 28.79 -25.20
N PRO A 165 -14.49 27.61 -25.67
CA PRO A 165 -13.86 26.36 -25.22
C PRO A 165 -12.34 26.40 -25.38
N ALA A 166 -11.65 25.88 -24.37
CA ALA A 166 -10.20 25.76 -24.45
C ALA A 166 -9.81 24.83 -25.59
N ASN A 167 -8.70 25.13 -26.24
CA ASN A 167 -8.22 24.29 -27.33
C ASN A 167 -7.85 22.91 -26.81
N ALA A 168 -7.81 21.96 -27.73
CA ALA A 168 -7.76 20.54 -27.37
C ALA A 168 -6.45 20.18 -26.69
N ALA A 169 -6.52 19.20 -25.80
CA ALA A 169 -5.36 18.64 -25.12
C ALA A 169 -5.72 17.25 -24.63
N THR A 170 -4.70 16.42 -24.44
CA THR A 170 -4.88 15.04 -24.04
C THR A 170 -4.81 14.89 -22.52
N ARG A 171 -5.68 14.02 -21.99
CA ARG A 171 -5.74 13.71 -20.56
C ARG A 171 -5.92 14.97 -19.72
N THR A 172 -6.89 15.78 -20.10
CA THR A 172 -7.20 17.01 -19.38
C THR A 172 -8.71 17.23 -19.37
N SER A 173 -9.20 17.80 -18.26
CA SER A 173 -10.60 18.16 -18.15
C SER A 173 -10.89 19.44 -18.94
N ARG A 174 -12.17 19.74 -19.08
CA ARG A 174 -12.58 20.83 -19.94
C ARG A 174 -12.24 22.19 -19.33
N GLY A 175 -12.07 23.17 -20.21
CA GLY A 175 -11.83 24.55 -19.79
C GLY A 175 -12.37 25.50 -20.83
N TRP A 176 -12.53 26.75 -20.41
CA TRP A 176 -13.05 27.81 -21.27
C TRP A 176 -12.37 29.12 -20.93
N HIS A 177 -12.00 29.86 -21.97
CA HIS A 177 -11.37 31.17 -21.86
C HIS A 177 -12.10 32.16 -22.76
N THR A 178 -11.63 33.40 -22.75
CA THR A 178 -12.19 34.46 -23.58
C THR A 178 -11.15 35.15 -24.45
N THR A 179 -9.91 35.29 -24.00
CA THR A 179 -8.86 35.96 -24.75
C THR A 179 -7.79 34.96 -25.11
N ASP A 180 -7.35 34.98 -26.38
CA ASP A 180 -6.37 34.03 -26.87
C ASP A 180 -4.95 34.60 -26.91
N LEU A 181 -4.79 35.92 -26.80
CA LEU A 181 -3.49 36.55 -26.99
C LEU A 181 -3.26 37.57 -25.88
N LYS A 182 -1.98 37.91 -25.68
CA LYS A 182 -1.60 38.93 -24.71
C LYS A 182 -1.53 40.29 -25.38
N TYR A 183 -1.77 41.33 -24.58
CA TYR A 183 -1.69 42.71 -25.04
C TYR A 183 -0.39 43.33 -24.60
N ASN A 184 0.33 43.93 -25.53
CA ASN A 184 1.52 44.71 -25.26
C ASN A 184 1.38 46.07 -25.94
N PRO A 185 1.85 47.15 -25.30
CA PRO A 185 1.60 48.48 -25.84
C PRO A 185 2.30 48.67 -27.19
N SER A 186 1.72 49.55 -27.99
CA SER A 186 2.35 49.93 -29.25
C SER A 186 3.65 50.70 -28.95
N ARG A 187 4.45 50.90 -29.99
CA ARG A 187 5.80 51.39 -29.81
C ARG A 187 5.86 52.91 -29.93
N VAL A 188 6.38 53.55 -28.88
CA VAL A 188 6.92 54.90 -28.96
C VAL A 188 8.35 54.82 -28.43
N GLU A 189 9.26 55.54 -29.09
CA GLU A 189 10.67 55.27 -28.90
C GLU A 189 11.18 55.78 -27.55
N ALA A 190 12.08 54.99 -26.95
CA ALA A 190 12.79 55.37 -25.72
C ALA A 190 11.82 55.73 -24.59
N PHE A 191 10.90 54.82 -24.31
CA PHE A 191 9.88 55.05 -23.30
C PHE A 191 9.50 53.74 -22.62
N HIS A 192 8.92 53.87 -21.43
CA HIS A 192 8.32 52.75 -20.72
C HIS A 192 6.82 52.75 -21.00
N ARG A 193 6.28 51.61 -21.43
CA ARG A 193 4.85 51.53 -21.69
C ARG A 193 4.29 50.23 -21.11
N TYR A 194 3.17 50.32 -20.41
CA TYR A 194 2.59 49.19 -19.70
C TYR A 194 1.37 48.68 -20.46
N GLY A 195 1.29 47.36 -20.62
CA GLY A 195 0.19 46.75 -21.36
C GLY A 195 -0.47 45.59 -20.63
N THR A 196 -1.78 45.69 -20.42
CA THR A 196 -2.51 44.76 -19.57
C THR A 196 -3.36 43.81 -20.40
N THR A 197 -3.34 42.53 -20.03
CA THR A 197 -4.21 41.50 -20.57
C THR A 197 -4.94 40.82 -19.41
N VAL A 198 -6.21 40.53 -19.61
CA VAL A 198 -7.04 39.84 -18.61
C VAL A 198 -7.81 38.74 -19.32
N ASN A 199 -7.59 37.49 -18.90
CA ASN A 199 -8.22 36.32 -19.50
C ASN A 199 -9.08 35.63 -18.46
N CYS A 200 -10.38 35.52 -18.74
CA CYS A 200 -11.30 34.80 -17.88
C CYS A 200 -11.23 33.31 -18.17
N ILE A 201 -11.13 32.50 -17.11
CA ILE A 201 -10.96 31.06 -17.24
C ILE A 201 -11.89 30.34 -16.29
N VAL A 202 -12.71 29.45 -16.85
CA VAL A 202 -13.57 28.52 -16.12
C VAL A 202 -13.05 27.12 -16.40
N GLU A 203 -12.74 26.36 -15.35
CA GLU A 203 -12.07 25.08 -15.56
C GLU A 203 -12.55 24.05 -14.54
N GLU A 204 -12.95 22.88 -15.03
CA GLU A 204 -13.39 21.78 -14.17
C GLU A 204 -12.19 20.95 -13.71
N VAL A 205 -12.19 20.58 -12.42
CA VAL A 205 -11.06 19.88 -11.82
C VAL A 205 -11.56 18.83 -10.83
N ASP A 206 -10.65 17.92 -10.49
CA ASP A 206 -10.87 16.92 -9.45
C ASP A 206 -10.44 17.46 -8.09
N ALA A 207 -10.89 16.79 -7.04
CA ALA A 207 -10.61 17.21 -5.68
C ALA A 207 -10.40 15.98 -4.79
N ARG A 208 -9.41 16.05 -3.91
CA ARG A 208 -9.03 14.94 -3.07
C ARG A 208 -8.79 15.41 -1.64
N SER A 209 -9.47 14.78 -0.68
CA SER A 209 -9.31 15.08 0.73
C SER A 209 -9.06 13.78 1.49
N VAL A 210 -8.13 13.84 2.43
CA VAL A 210 -7.88 12.71 3.31
C VAL A 210 -8.49 12.99 4.68
N TYR A 211 -8.62 11.95 5.48
CA TYR A 211 -9.10 12.11 6.85
C TYR A 211 -8.19 13.09 7.59
N PRO A 212 -8.75 13.96 8.45
CA PRO A 212 -10.14 14.08 8.91
C PRO A 212 -11.08 14.84 7.96
N TYR A 213 -10.60 15.18 6.76
CA TYR A 213 -11.40 15.88 5.76
C TYR A 213 -11.81 17.28 6.23
N ASP A 214 -10.88 17.99 6.87
CA ASP A 214 -11.08 19.39 7.21
C ASP A 214 -10.41 20.32 6.21
N GLU A 215 -9.98 19.78 5.08
CA GLU A 215 -9.32 20.50 4.00
C GLU A 215 -9.13 19.50 2.86
N PHE A 216 -8.91 20.03 1.66
CA PHE A 216 -8.72 19.17 0.50
C PHE A 216 -7.80 19.86 -0.50
N VAL A 217 -7.56 19.18 -1.62
CA VAL A 217 -6.69 19.67 -2.68
C VAL A 217 -7.49 19.73 -3.98
N LEU A 218 -6.84 20.21 -5.04
CA LEU A 218 -7.43 20.24 -6.36
C LEU A 218 -6.40 19.70 -7.35
N ALA A 219 -6.88 19.37 -8.55
CA ALA A 219 -6.01 18.75 -9.55
C ALA A 219 -4.83 19.66 -9.89
N THR A 220 -5.01 20.97 -9.77
CA THR A 220 -3.90 21.90 -9.98
C THR A 220 -2.93 21.91 -8.82
N GLY A 221 -3.34 21.43 -7.65
CA GLY A 221 -2.50 21.40 -6.48
C GLY A 221 -2.74 22.48 -5.46
N ASP A 222 -3.96 23.03 -5.38
CA ASP A 222 -4.28 24.11 -4.46
C ASP A 222 -5.04 23.54 -3.28
N PHE A 223 -4.51 23.76 -2.08
CA PHE A 223 -5.18 23.31 -0.86
C PHE A 223 -6.27 24.32 -0.47
N VAL A 224 -7.51 23.86 -0.45
CA VAL A 224 -8.62 24.65 0.06
C VAL A 224 -8.79 24.30 1.53
N TYR A 225 -8.68 25.30 2.40
CA TYR A 225 -8.66 25.09 3.84
C TYR A 225 -10.08 25.17 4.41
N MET A 226 -10.86 24.15 4.03
CA MET A 226 -12.26 24.07 4.44
C MET A 226 -12.73 22.65 4.20
N SER A 227 -13.47 22.11 5.16
CA SER A 227 -14.04 20.78 5.01
C SER A 227 -14.95 20.75 3.78
N PRO A 228 -14.86 19.72 2.93
CA PRO A 228 -15.77 19.64 1.78
C PRO A 228 -17.23 19.54 2.16
N PHE A 229 -17.53 19.33 3.45
CA PHE A 229 -18.90 19.19 3.92
C PHE A 229 -19.35 20.35 4.79
N TYR A 230 -18.53 21.39 4.96
CA TYR A 230 -18.94 22.55 5.72
C TYR A 230 -20.04 23.31 4.97
N GLY A 231 -21.04 23.76 5.72
CA GLY A 231 -22.15 24.49 5.13
C GLY A 231 -23.08 25.08 6.17
N TYR A 232 -24.38 25.05 5.88
CA TYR A 232 -25.38 25.66 6.75
C TYR A 232 -26.42 24.69 7.29
N ARG A 233 -26.54 23.49 6.72
CA ARG A 233 -27.62 22.57 7.03
C ARG A 233 -27.14 21.46 7.96
N GLU A 234 -27.89 21.22 9.04
CA GLU A 234 -27.69 20.09 9.95
C GLU A 234 -26.27 20.07 10.52
N GLY A 235 -26.02 21.05 11.38
CA GLY A 235 -24.73 21.13 12.07
C GLY A 235 -23.54 21.17 11.15
N SER A 236 -23.70 21.70 9.93
CA SER A 236 -22.56 21.83 9.04
C SER A 236 -21.65 22.96 9.44
N HIS A 237 -22.15 23.94 10.20
CA HIS A 237 -21.31 24.97 10.79
C HIS A 237 -20.39 24.41 11.87
N THR A 238 -20.56 23.14 12.26
CA THR A 238 -19.60 22.48 13.13
C THR A 238 -18.30 22.20 12.39
N GLU A 239 -18.38 21.95 11.08
CA GLU A 239 -17.19 21.61 10.31
C GLU A 239 -16.19 22.75 10.30
N HIS A 240 -15.01 22.46 9.74
CA HIS A 240 -13.88 23.37 9.82
C HIS A 240 -13.76 24.21 8.56
N THR A 241 -13.62 25.52 8.76
CA THR A 241 -13.21 26.42 7.68
C THR A 241 -12.39 27.54 8.30
N SER A 242 -11.12 27.62 7.95
CA SER A 242 -10.26 28.70 8.40
C SER A 242 -10.42 29.96 7.56
N TYR A 243 -11.56 30.09 6.88
CA TYR A 243 -11.86 31.21 6.00
C TYR A 243 -12.89 32.12 6.65
N ALA A 244 -12.80 33.41 6.35
CA ALA A 244 -13.81 34.35 6.80
C ALA A 244 -15.17 33.95 6.23
N ALA A 245 -16.19 33.92 7.10
CA ALA A 245 -17.47 33.33 6.75
C ALA A 245 -18.14 34.01 5.56
N ASP A 246 -17.73 35.24 5.22
CA ASP A 246 -18.34 35.92 4.09
C ASP A 246 -17.90 35.32 2.76
N ARG A 247 -16.72 34.70 2.72
CA ARG A 247 -16.20 34.18 1.46
C ARG A 247 -16.97 32.95 0.99
N PHE A 248 -17.60 32.22 1.92
CA PHE A 248 -18.32 31.00 1.59
C PHE A 248 -19.81 31.30 1.48
N LYS A 249 -20.42 30.85 0.38
CA LYS A 249 -21.84 31.04 0.16
C LYS A 249 -22.44 29.74 -0.36
N GLN A 250 -23.54 29.32 0.26
CA GLN A 250 -24.26 28.10 -0.10
C GLN A 250 -25.57 28.48 -0.77
N VAL A 251 -25.88 27.80 -1.88
CA VAL A 251 -27.03 28.14 -2.71
C VAL A 251 -27.99 26.95 -2.72
N ASP A 252 -29.13 27.12 -2.06
CA ASP A 252 -30.18 26.11 -2.12
C ASP A 252 -30.90 26.17 -3.46
N GLY A 253 -31.22 24.99 -3.99
CA GLY A 253 -31.95 24.92 -5.25
C GLY A 253 -31.21 25.50 -6.43
N PHE A 254 -29.88 25.50 -6.40
CA PHE A 254 -29.10 26.00 -7.51
C PHE A 254 -29.34 25.16 -8.77
N TYR A 255 -29.29 25.82 -9.92
CA TYR A 255 -29.40 25.17 -11.22
C TYR A 255 -28.15 25.47 -12.03
N ALA A 256 -27.52 24.43 -12.57
CA ALA A 256 -26.26 24.55 -13.28
C ALA A 256 -26.51 24.53 -14.78
N ARG A 257 -25.94 25.51 -15.48
CA ARG A 257 -25.99 25.58 -16.94
C ARG A 257 -24.63 25.19 -17.50
N ASP A 258 -24.62 24.30 -18.48
CA ASP A 258 -23.38 23.89 -19.10
C ASP A 258 -22.80 25.04 -19.92
N LEU A 259 -21.48 25.17 -19.90
CA LEU A 259 -20.83 26.28 -20.59
C LEU A 259 -20.69 26.01 -22.09
N THR A 260 -20.37 24.77 -22.46
CA THR A 260 -20.27 24.39 -23.86
C THR A 260 -21.62 23.96 -24.43
N THR A 261 -22.32 23.06 -23.73
CA THR A 261 -23.60 22.58 -24.23
C THR A 261 -24.65 23.67 -24.22
N LYS A 262 -24.50 24.67 -23.34
CA LYS A 262 -25.47 25.74 -23.17
C LYS A 262 -26.86 25.17 -22.88
N ALA A 263 -26.91 24.23 -21.95
CA ALA A 263 -28.14 23.51 -21.65
C ALA A 263 -28.28 23.39 -20.14
N ARG A 264 -29.28 24.08 -19.57
CA ARG A 264 -29.67 23.78 -18.21
C ARG A 264 -30.20 22.36 -18.14
N ALA A 265 -29.88 21.65 -17.07
CA ALA A 265 -30.16 20.22 -17.03
C ALA A 265 -30.21 19.75 -15.59
N THR A 266 -30.30 18.43 -15.42
CA THR A 266 -30.24 17.71 -14.14
C THR A 266 -31.37 18.21 -13.25
N ALA A 267 -31.12 18.42 -11.96
CA ALA A 267 -32.11 18.72 -10.95
C ALA A 267 -31.51 19.73 -9.98
N PRO A 268 -32.26 20.26 -9.00
CA PRO A 268 -31.66 21.17 -8.02
C PRO A 268 -30.48 20.53 -7.31
N THR A 269 -29.36 21.24 -7.30
CA THR A 269 -28.13 20.81 -6.63
C THR A 269 -27.66 21.93 -5.72
N THR A 270 -27.78 21.74 -4.41
CA THR A 270 -27.34 22.74 -3.44
C THR A 270 -25.85 22.99 -3.57
N ARG A 271 -25.46 24.17 -4.04
CA ARG A 271 -24.06 24.45 -4.35
C ARG A 271 -23.34 25.09 -3.17
N ASN A 272 -22.01 24.98 -3.22
CA ASN A 272 -21.11 25.64 -2.29
C ASN A 272 -20.08 26.41 -3.10
N LEU A 273 -19.84 27.66 -2.72
CA LEU A 273 -18.87 28.51 -3.41
C LEU A 273 -17.95 29.14 -2.38
N LEU A 274 -16.64 29.00 -2.57
CA LEU A 274 -15.64 29.58 -1.69
C LEU A 274 -14.65 30.36 -2.53
N THR A 275 -14.53 31.66 -2.26
CA THR A 275 -13.66 32.54 -3.02
C THR A 275 -12.38 32.80 -2.23
N THR A 276 -11.28 32.21 -2.69
CA THR A 276 -9.97 32.44 -2.12
C THR A 276 -9.40 33.74 -2.68
N PRO A 277 -8.30 34.23 -2.11
CA PRO A 277 -7.66 35.42 -2.69
C PRO A 277 -7.20 35.26 -4.14
N LYS A 278 -7.27 34.05 -4.72
CA LYS A 278 -6.78 33.83 -6.06
C LYS A 278 -7.73 33.06 -6.97
N PHE A 279 -8.82 32.51 -6.47
CA PHE A 279 -9.79 31.81 -7.31
C PHE A 279 -11.07 31.61 -6.50
N THR A 280 -12.09 31.06 -7.17
CA THR A 280 -13.34 30.71 -6.51
C THR A 280 -13.74 29.30 -6.94
N VAL A 281 -14.02 28.45 -5.97
CA VAL A 281 -14.37 27.04 -6.23
C VAL A 281 -15.85 26.84 -5.95
N ALA A 282 -16.47 26.00 -6.78
CA ALA A 282 -17.87 25.62 -6.62
C ALA A 282 -17.96 24.10 -6.61
N TRP A 283 -18.67 23.55 -5.62
CA TRP A 283 -18.82 22.12 -5.48
C TRP A 283 -20.16 21.81 -4.84
N ASP A 284 -20.77 20.71 -5.27
CA ASP A 284 -22.05 20.28 -4.70
C ASP A 284 -21.87 19.84 -3.26
N TRP A 285 -22.67 20.41 -2.36
CA TRP A 285 -22.59 20.05 -0.95
C TRP A 285 -23.34 18.74 -0.71
N VAL A 286 -22.64 17.75 -0.17
CA VAL A 286 -23.23 16.44 0.14
C VAL A 286 -22.99 16.15 1.61
N PRO A 287 -23.86 15.38 2.27
CA PRO A 287 -23.62 15.04 3.67
C PRO A 287 -22.36 14.22 3.85
N LYS A 288 -21.73 14.36 5.02
CA LYS A 288 -20.45 13.70 5.25
C LYS A 288 -20.61 12.19 5.50
N ARG A 289 -21.62 11.80 6.28
CA ARG A 289 -21.75 10.40 6.66
C ARG A 289 -21.97 9.47 5.47
N PRO A 290 -22.94 9.68 4.59
CA PRO A 290 -23.11 8.74 3.46
C PRO A 290 -22.05 8.87 2.39
N SER A 291 -21.19 9.89 2.44
CA SER A 291 -20.23 10.13 1.38
C SER A 291 -18.94 9.34 1.56
N VAL A 292 -18.36 9.38 2.76
CA VAL A 292 -17.06 8.76 3.01
C VAL A 292 -17.24 7.55 3.91
N CYS A 293 -16.14 6.83 4.11
CA CYS A 293 -16.12 5.63 4.93
C CYS A 293 -14.68 5.34 5.32
N THR A 294 -14.50 4.83 6.53
CA THR A 294 -13.16 4.54 7.04
C THR A 294 -12.66 3.16 6.65
N MET A 295 -13.54 2.29 6.17
CA MET A 295 -13.17 0.95 5.76
C MET A 295 -13.45 0.76 4.28
N THR A 296 -13.05 -0.41 3.78
CA THR A 296 -13.22 -0.74 2.37
C THR A 296 -13.55 -2.22 2.25
N LYS A 297 -14.69 -2.52 1.61
CA LYS A 297 -15.05 -3.90 1.33
C LYS A 297 -13.99 -4.55 0.45
N TRP A 298 -13.17 -5.42 1.04
CA TRP A 298 -12.02 -6.00 0.36
C TRP A 298 -12.32 -7.35 -0.26
N GLN A 299 -12.92 -8.28 0.49
CA GLN A 299 -13.11 -9.64 -0.03
C GLN A 299 -14.51 -10.14 0.28
N GLU A 300 -15.27 -10.47 -0.76
CA GLU A 300 -16.52 -11.20 -0.62
C GLU A 300 -16.23 -12.69 -0.61
N VAL A 301 -16.80 -13.40 0.35
CA VAL A 301 -16.50 -14.81 0.59
C VAL A 301 -17.81 -15.56 0.73
N ASP A 302 -18.09 -16.44 -0.24
CA ASP A 302 -19.26 -17.30 -0.22
C ASP A 302 -19.20 -18.26 0.96
N GLU A 303 -18.35 -19.28 0.85
CA GLU A 303 -18.19 -20.29 1.90
C GLU A 303 -17.10 -19.84 2.86
N MET A 304 -17.51 -19.35 4.03
CA MET A 304 -16.59 -19.01 5.12
C MET A 304 -16.98 -19.84 6.34
N LEU A 305 -16.12 -20.79 6.70
CA LEU A 305 -16.40 -21.71 7.80
C LEU A 305 -15.86 -21.12 9.10
N ARG A 306 -16.74 -20.91 10.07
CA ARG A 306 -16.36 -20.42 11.39
C ARG A 306 -16.32 -21.59 12.35
N SER A 307 -15.13 -21.92 12.84
CA SER A 307 -14.94 -22.97 13.83
C SER A 307 -14.39 -22.35 15.10
N GLU A 308 -14.96 -22.71 16.24
CA GLU A 308 -14.54 -22.20 17.54
C GLU A 308 -13.60 -23.19 18.20
N TYR A 309 -12.48 -22.68 18.73
CA TYR A 309 -11.60 -23.52 19.53
C TYR A 309 -10.64 -22.65 20.32
N GLY A 310 -10.26 -23.15 21.50
CA GLY A 310 -9.26 -22.49 22.32
C GLY A 310 -9.60 -21.08 22.71
N GLY A 311 -10.89 -20.75 22.77
CA GLY A 311 -11.29 -19.39 23.06
C GLY A 311 -11.10 -18.44 21.90
N SER A 312 -11.27 -18.92 20.67
CA SER A 312 -11.09 -18.09 19.50
C SER A 312 -11.94 -18.60 18.35
N PHE A 313 -12.54 -17.68 17.62
CA PHE A 313 -13.21 -18.00 16.37
C PHE A 313 -12.20 -17.99 15.24
N ARG A 314 -12.36 -18.95 14.31
CA ARG A 314 -11.49 -19.04 13.15
C ARG A 314 -12.34 -19.14 11.90
N PHE A 315 -12.21 -18.15 11.02
CA PHE A 315 -12.97 -18.05 9.78
C PHE A 315 -12.06 -18.48 8.64
N SER A 316 -12.27 -19.69 8.13
CA SER A 316 -11.46 -20.24 7.06
C SER A 316 -12.26 -20.19 5.76
N SER A 317 -11.67 -19.58 4.74
CA SER A 317 -12.20 -19.56 3.39
C SER A 317 -11.29 -20.42 2.50
N ASP A 318 -11.85 -21.54 2.03
CA ASP A 318 -11.14 -22.37 1.06
C ASP A 318 -10.97 -21.65 -0.26
N ALA A 319 -11.90 -20.76 -0.60
CA ALA A 319 -11.86 -20.01 -1.85
C ALA A 319 -10.60 -19.16 -1.95
N ILE A 320 -10.46 -18.16 -1.09
CA ILE A 320 -9.27 -17.32 -1.09
C ILE A 320 -8.13 -17.92 -0.29
N SER A 321 -8.32 -19.11 0.28
CA SER A 321 -7.28 -19.85 0.99
C SER A 321 -6.73 -19.05 2.16
N THR A 322 -7.62 -18.67 3.08
CA THR A 322 -7.26 -17.79 4.17
C THR A 322 -7.93 -18.25 5.46
N THR A 323 -7.30 -17.94 6.60
CA THR A 323 -7.86 -18.29 7.91
C THR A 323 -7.67 -17.10 8.84
N PHE A 324 -8.76 -16.42 9.19
CA PHE A 324 -8.73 -15.29 10.10
C PHE A 324 -9.04 -15.74 11.52
N THR A 325 -8.47 -15.03 12.49
CA THR A 325 -8.60 -15.36 13.90
C THR A 325 -9.22 -14.18 14.63
N THR A 326 -10.37 -14.40 15.26
CA THR A 326 -11.07 -13.36 16.00
C THR A 326 -11.37 -13.83 17.42
N ASN A 327 -11.66 -12.88 18.29
CA ASN A 327 -12.20 -13.21 19.60
C ASN A 327 -13.62 -13.75 19.45
N LEU A 328 -14.16 -14.27 20.56
CA LEU A 328 -15.46 -14.92 20.54
C LEU A 328 -16.62 -13.96 20.71
N THR A 329 -16.39 -12.65 20.63
CA THR A 329 -17.44 -11.65 20.75
C THR A 329 -17.42 -10.74 19.54
N GLU A 330 -18.60 -10.27 19.16
CA GLU A 330 -18.71 -9.40 17.99
C GLU A 330 -18.01 -8.06 18.23
N TYR A 331 -17.49 -7.50 17.15
CA TYR A 331 -16.97 -6.14 17.18
C TYR A 331 -18.10 -5.16 16.91
N PRO A 332 -18.39 -4.22 17.81
CA PRO A 332 -19.54 -3.32 17.60
C PRO A 332 -19.25 -2.32 16.49
N LEU A 333 -20.11 -2.32 15.48
CA LEU A 333 -19.98 -1.35 14.40
C LEU A 333 -20.18 0.09 14.85
N SER A 334 -20.67 0.29 16.08
CA SER A 334 -20.81 1.64 16.62
C SER A 334 -19.46 2.31 16.83
N ARG A 335 -18.43 1.53 17.14
CA ARG A 335 -17.11 2.07 17.45
C ARG A 335 -16.32 2.49 16.21
N VAL A 336 -16.85 2.24 15.02
CA VAL A 336 -16.15 2.59 13.79
C VAL A 336 -16.43 4.06 13.46
N ASP A 337 -15.36 4.85 13.40
CA ASP A 337 -15.48 6.28 13.06
C ASP A 337 -15.86 6.40 11.59
N LEU A 338 -17.09 6.87 11.33
CA LEU A 338 -17.60 7.05 9.98
C LEU A 338 -17.56 5.74 9.21
N GLY A 339 -18.53 4.86 9.43
CA GLY A 339 -18.51 3.56 8.78
C GLY A 339 -19.88 3.00 8.47
N ASP A 340 -20.71 3.76 7.75
CA ASP A 340 -22.01 3.25 7.34
C ASP A 340 -21.89 2.29 6.17
N CYS A 341 -20.90 2.53 5.29
CA CYS A 341 -20.65 1.63 4.17
C CYS A 341 -20.31 0.22 4.63
N ILE A 342 -19.83 0.07 5.86
CA ILE A 342 -19.58 -1.26 6.41
C ILE A 342 -20.88 -2.07 6.46
N GLY A 343 -21.83 -1.59 7.25
CA GLY A 343 -23.09 -2.30 7.38
C GLY A 343 -23.86 -2.38 6.07
N LYS A 344 -23.88 -1.28 5.31
CA LYS A 344 -24.64 -1.26 4.06
C LYS A 344 -24.05 -2.25 3.06
N ASP A 345 -22.75 -2.11 2.75
CA ASP A 345 -22.11 -3.00 1.79
C ASP A 345 -22.15 -4.44 2.26
N ALA A 346 -21.99 -4.67 3.57
CA ALA A 346 -22.04 -6.02 4.11
C ALA A 346 -23.41 -6.66 3.87
N ARG A 347 -24.47 -5.97 4.29
CA ARG A 347 -25.81 -6.52 4.14
C ARG A 347 -26.17 -6.74 2.68
N ASP A 348 -25.85 -5.76 1.82
CA ASP A 348 -26.17 -5.91 0.40
C ASP A 348 -25.43 -7.10 -0.22
N ALA A 349 -24.11 -7.15 0.00
CA ALA A 349 -23.32 -8.25 -0.56
C ALA A 349 -23.81 -9.60 -0.08
N MET A 350 -24.16 -9.71 1.20
CA MET A 350 -24.61 -10.99 1.73
C MET A 350 -25.97 -11.38 1.16
N ASP A 351 -26.88 -10.41 1.03
CA ASP A 351 -28.14 -10.70 0.37
C ASP A 351 -27.91 -11.23 -1.05
N ARG A 352 -26.92 -10.66 -1.75
CA ARG A 352 -26.63 -11.13 -3.10
C ARG A 352 -26.05 -12.54 -3.10
N ILE A 353 -25.14 -12.84 -2.16
CA ILE A 353 -24.54 -14.17 -2.12
C ILE A 353 -25.58 -15.22 -1.78
N PHE A 354 -26.32 -15.01 -0.68
CA PHE A 354 -27.39 -15.93 -0.30
C PHE A 354 -28.39 -16.12 -1.44
N ALA A 355 -28.75 -15.02 -2.11
CA ALA A 355 -29.67 -15.13 -3.24
C ALA A 355 -29.08 -15.98 -4.35
N ARG A 356 -27.76 -15.87 -4.57
CA ARG A 356 -27.14 -16.56 -5.69
C ARG A 356 -26.91 -18.05 -5.40
N ARG A 357 -26.69 -18.43 -4.17
CA ARG A 357 -26.18 -19.79 -4.09
C ARG A 357 -26.91 -20.68 -3.08
N TYR A 358 -27.37 -20.13 -1.96
CA TYR A 358 -27.86 -20.95 -0.85
C TYR A 358 -29.37 -20.94 -0.68
N ASN A 359 -30.12 -20.30 -1.57
CA ASN A 359 -31.53 -20.02 -1.28
C ASN A 359 -32.40 -21.27 -1.26
N ALA A 360 -31.88 -22.43 -1.66
CA ALA A 360 -32.67 -23.66 -1.67
C ALA A 360 -32.06 -24.75 -0.80
N THR A 361 -31.01 -24.45 -0.05
CA THR A 361 -30.31 -25.46 0.71
C THR A 361 -30.18 -25.14 2.19
N HIS A 362 -30.03 -23.86 2.56
CA HIS A 362 -29.77 -23.48 3.94
C HIS A 362 -30.82 -22.48 4.42
N ILE A 363 -30.68 -22.05 5.67
CA ILE A 363 -31.59 -21.10 6.31
C ILE A 363 -30.76 -20.04 7.02
N LYS A 364 -31.09 -18.78 6.79
CA LYS A 364 -30.39 -17.68 7.47
C LYS A 364 -30.56 -17.81 8.98
N VAL A 365 -29.44 -17.77 9.69
CA VAL A 365 -29.42 -17.90 11.15
C VAL A 365 -28.97 -16.56 11.73
N GLY A 366 -29.93 -15.77 12.21
CA GLY A 366 -29.63 -14.51 12.86
C GLY A 366 -29.19 -13.39 11.94
N GLN A 367 -29.23 -12.16 12.44
CA GLN A 367 -28.75 -11.01 11.69
C GLN A 367 -27.23 -11.08 11.54
N PRO A 368 -26.67 -10.37 10.57
CA PRO A 368 -25.22 -10.41 10.36
C PRO A 368 -24.45 -9.95 11.61
N GLN A 369 -23.29 -10.56 11.81
CA GLN A 369 -22.41 -10.30 12.92
C GLN A 369 -21.05 -9.85 12.40
N TYR A 370 -20.41 -8.92 13.11
CA TYR A 370 -19.14 -8.36 12.65
C TYR A 370 -18.08 -8.62 13.71
N TYR A 371 -17.06 -9.38 13.35
CA TYR A 371 -15.94 -9.69 14.24
C TYR A 371 -14.66 -9.07 13.69
N LEU A 372 -13.76 -8.71 14.61
CA LEU A 372 -12.47 -8.12 14.25
C LEU A 372 -11.40 -9.19 14.33
N ALA A 373 -10.83 -9.53 13.16
CA ALA A 373 -9.78 -10.54 13.06
C ALA A 373 -8.40 -9.90 13.15
N ASN A 374 -7.49 -10.61 13.82
CA ASN A 374 -6.11 -10.16 13.97
C ASN A 374 -5.50 -9.83 12.61
N GLY A 375 -4.58 -8.88 12.62
CA GLY A 375 -4.14 -8.22 11.41
C GLY A 375 -4.98 -7.02 11.06
N GLY A 376 -6.04 -6.73 11.81
CA GLY A 376 -6.86 -5.57 11.59
C GLY A 376 -7.85 -5.73 10.46
N PHE A 377 -8.54 -6.85 10.40
CA PHE A 377 -9.53 -7.10 9.34
C PHE A 377 -10.92 -7.14 9.95
N LEU A 378 -11.87 -6.45 9.33
CA LEU A 378 -13.25 -6.58 9.75
C LEU A 378 -13.88 -7.73 8.99
N ILE A 379 -14.76 -8.46 9.66
CA ILE A 379 -15.40 -9.63 9.08
C ILE A 379 -16.89 -9.54 9.37
N ALA A 380 -17.65 -9.04 8.40
CA ALA A 380 -19.08 -9.29 8.38
C ALA A 380 -19.30 -10.77 8.13
N TYR A 381 -20.34 -11.32 8.76
CA TYR A 381 -20.55 -12.75 8.77
C TYR A 381 -22.05 -13.02 8.91
N GLN A 382 -22.46 -14.16 8.38
CA GLN A 382 -23.87 -14.57 8.35
C GLN A 382 -23.88 -16.08 8.54
N PRO A 383 -24.23 -16.57 9.72
CA PRO A 383 -24.30 -18.01 9.95
C PRO A 383 -25.47 -18.62 9.19
N LEU A 384 -25.34 -19.93 8.93
CA LEU A 384 -26.32 -20.64 8.13
C LEU A 384 -26.49 -22.04 8.69
N LEU A 385 -27.52 -22.73 8.19
CA LEU A 385 -27.87 -24.07 8.64
C LEU A 385 -28.69 -24.75 7.56
N SER A 386 -28.28 -25.96 7.17
CA SER A 386 -28.83 -26.61 5.99
C SER A 386 -30.26 -27.09 6.24
N ASN A 387 -30.92 -27.49 5.14
CA ASN A 387 -32.24 -28.11 5.25
C ASN A 387 -32.18 -29.41 6.04
N THR A 388 -31.23 -30.29 5.67
CA THR A 388 -30.89 -31.40 6.53
C THR A 388 -30.45 -30.88 7.89
N LEU A 389 -30.82 -31.59 8.95
CA LEU A 389 -30.60 -31.18 10.33
C LEU A 389 -31.01 -29.72 10.56
N ALA A 390 -32.16 -29.34 9.98
CA ALA A 390 -32.81 -28.09 10.36
C ALA A 390 -33.49 -28.19 11.72
N GLU A 391 -33.42 -29.35 12.37
CA GLU A 391 -34.00 -29.54 13.70
C GLU A 391 -33.41 -28.57 14.71
N LEU A 392 -32.12 -28.24 14.59
CA LEU A 392 -31.41 -27.44 15.58
C LEU A 392 -31.37 -25.96 15.22
N TYR A 393 -32.41 -25.44 14.58
CA TYR A 393 -32.49 -24.00 14.36
C TYR A 393 -32.70 -23.26 15.67
N VAL A 394 -33.44 -23.86 16.60
CA VAL A 394 -33.77 -23.20 17.85
C VAL A 394 -32.50 -22.90 18.65
N ARG A 395 -31.66 -23.91 18.83
CA ARG A 395 -30.46 -23.73 19.65
C ARG A 395 -29.44 -22.84 18.95
N GLU A 396 -29.19 -23.08 17.66
CA GLU A 396 -28.10 -22.39 16.98
C GLU A 396 -28.40 -20.92 16.78
N HIS A 397 -29.66 -20.56 16.49
CA HIS A 397 -30.02 -19.15 16.38
C HIS A 397 -29.70 -18.42 17.68
N LEU A 398 -30.11 -18.98 18.81
CA LEU A 398 -29.79 -18.40 20.10
C LEU A 398 -28.28 -18.28 20.28
N ARG A 399 -27.55 -19.35 19.97
CA ARG A 399 -26.09 -19.34 20.13
C ARG A 399 -25.45 -18.21 19.34
N GLU A 400 -25.90 -17.99 18.10
CA GLU A 400 -25.34 -16.90 17.31
C GLU A 400 -25.79 -15.55 17.84
N GLN A 401 -26.98 -15.48 18.42
CA GLN A 401 -27.47 -14.22 18.99
C GLN A 401 -26.75 -13.87 20.29
N SER A 402 -26.09 -14.84 20.91
CA SER A 402 -25.35 -14.59 22.15
C SER A 402 -24.02 -13.87 21.93
N ARG A 403 -23.70 -13.49 20.69
CA ARG A 403 -22.41 -12.88 20.39
C ARG A 403 -22.46 -11.36 20.30
N LYS A 404 -23.66 -10.77 20.31
CA LYS A 404 -23.79 -9.33 20.10
C LYS A 404 -23.02 -8.48 21.10
N PRO A 405 -23.06 -8.73 22.43
CA PRO A 405 -22.32 -7.83 23.33
C PRO A 405 -20.81 -7.94 23.20
N SER A 420 -16.32 5.97 22.90
CA SER A 420 -15.46 6.74 22.01
C SER A 420 -15.50 6.18 20.58
N VAL A 421 -14.53 6.59 19.76
CA VAL A 421 -14.43 6.13 18.39
C VAL A 421 -12.98 5.77 18.07
N GLU A 422 -12.81 4.91 17.07
CA GLU A 422 -11.48 4.47 16.65
C GLU A 422 -11.50 4.18 15.16
N ARG A 423 -10.32 4.28 14.54
CA ARG A 423 -10.14 3.91 13.14
C ARG A 423 -9.25 2.68 13.08
N ILE A 424 -9.80 1.58 12.58
CA ILE A 424 -9.09 0.31 12.57
C ILE A 424 -7.97 0.35 11.54
N LYS A 425 -6.80 -0.17 11.92
CA LYS A 425 -5.64 -0.22 11.04
C LYS A 425 -5.45 -1.65 10.55
N THR A 426 -5.36 -1.82 9.24
CA THR A 426 -5.21 -3.12 8.61
C THR A 426 -3.78 -3.31 8.11
N THR A 427 -3.23 -4.49 8.37
CA THR A 427 -1.90 -4.82 7.88
C THR A 427 -1.89 -4.89 6.36
N SER A 428 -0.69 -4.83 5.79
CA SER A 428 -0.51 -4.85 4.34
C SER A 428 -0.16 -6.23 3.80
N SER A 429 -0.01 -7.22 4.67
CA SER A 429 0.43 -8.56 4.27
C SER A 429 -0.58 -9.58 4.78
N ILE A 430 -1.28 -10.24 3.85
CA ILE A 430 -2.24 -11.29 4.20
C ILE A 430 -1.57 -12.65 4.29
N GLU A 431 -0.26 -12.74 4.09
CA GLU A 431 0.39 -14.04 3.96
C GLU A 431 0.32 -14.84 5.25
N PHE A 432 0.27 -14.18 6.41
CA PHE A 432 0.27 -14.90 7.68
C PHE A 432 -0.97 -15.79 7.81
N ALA A 433 -2.13 -15.26 7.44
CA ALA A 433 -3.36 -16.03 7.53
C ALA A 433 -3.40 -17.13 6.47
N ARG A 434 -2.79 -16.90 5.31
CA ARG A 434 -2.71 -17.93 4.29
C ARG A 434 -1.83 -19.09 4.74
N LEU A 435 -0.65 -18.78 5.28
CA LEU A 435 0.18 -19.80 5.92
C LEU A 435 -0.62 -20.57 6.97
N GLN A 436 -1.27 -19.84 7.87
CA GLN A 436 -2.05 -20.48 8.92
C GLN A 436 -3.08 -21.45 8.34
N PHE A 437 -3.73 -21.05 7.24
CA PHE A 437 -4.70 -21.94 6.60
C PHE A 437 -4.02 -23.20 6.05
N THR A 438 -2.94 -23.03 5.29
CA THR A 438 -2.22 -24.18 4.73
C THR A 438 -1.76 -25.14 5.82
N TYR A 439 -1.04 -24.61 6.82
CA TYR A 439 -0.62 -25.41 7.97
C TYR A 439 -1.81 -26.16 8.58
N ASN A 440 -2.89 -25.43 8.91
CA ASN A 440 -4.01 -26.09 9.59
C ASN A 440 -4.60 -27.22 8.75
N HIS A 441 -4.76 -26.98 7.44
CA HIS A 441 -5.23 -28.02 6.53
C HIS A 441 -4.33 -29.26 6.60
N ILE A 442 -3.05 -29.09 6.28
CA ILE A 442 -2.12 -30.22 6.27
C ILE A 442 -2.12 -30.92 7.63
N GLN A 443 -1.79 -30.18 8.69
CA GLN A 443 -1.84 -30.68 10.06
C GLN A 443 -3.06 -31.55 10.34
N ARG A 444 -4.25 -31.04 10.03
CA ARG A 444 -5.45 -31.83 10.23
C ARG A 444 -5.38 -33.16 9.50
N HIS A 445 -5.03 -33.13 8.20
CA HIS A 445 -5.02 -34.38 7.44
C HIS A 445 -4.01 -35.37 8.01
N VAL A 446 -2.74 -34.99 8.09
CA VAL A 446 -1.68 -35.91 8.54
C VAL A 446 -1.99 -36.45 9.94
N ASN A 447 -2.44 -35.57 10.84
CA ASN A 447 -2.82 -36.00 12.17
C ASN A 447 -3.92 -37.07 12.11
N ASP A 448 -4.93 -36.84 11.27
CA ASP A 448 -6.03 -37.78 11.14
C ASP A 448 -5.52 -39.15 10.70
N MET A 449 -4.82 -39.19 9.56
CA MET A 449 -4.34 -40.46 9.03
C MET A 449 -3.46 -41.19 10.03
N LEU A 450 -2.47 -40.50 10.60
CA LEU A 450 -1.56 -41.16 11.53
C LEU A 450 -2.29 -41.67 12.76
N GLY A 451 -3.28 -40.92 13.25
CA GLY A 451 -4.13 -41.45 14.31
C GLY A 451 -4.78 -42.76 13.93
N ARG A 452 -5.39 -42.81 12.73
CA ARG A 452 -5.99 -44.03 12.25
C ARG A 452 -4.99 -45.19 12.24
N VAL A 453 -3.76 -44.93 11.76
CA VAL A 453 -2.73 -45.97 11.75
C VAL A 453 -2.46 -46.46 13.17
N ALA A 454 -2.26 -45.54 14.12
CA ALA A 454 -2.01 -45.94 15.50
C ALA A 454 -3.10 -46.86 16.03
N ILE A 455 -4.36 -46.49 15.79
CA ILE A 455 -5.47 -47.31 16.26
C ILE A 455 -5.43 -48.70 15.64
N ALA A 456 -5.36 -48.76 14.31
CA ALA A 456 -5.42 -50.06 13.63
C ALA A 456 -4.30 -50.98 14.09
N TRP A 457 -3.08 -50.46 14.17
CA TRP A 457 -1.94 -51.21 14.71
C TRP A 457 -2.27 -51.75 16.11
N CYS A 458 -2.75 -50.87 16.98
CA CYS A 458 -3.09 -51.27 18.35
C CYS A 458 -4.07 -52.45 18.36
N GLU A 459 -5.10 -52.39 17.52
CA GLU A 459 -6.03 -53.52 17.43
C GLU A 459 -5.31 -54.78 16.97
N LEU A 460 -4.42 -54.63 15.98
CA LEU A 460 -3.76 -55.80 15.40
C LEU A 460 -2.99 -56.59 16.46
N GLN A 461 -2.27 -55.90 17.35
CA GLN A 461 -1.47 -56.62 18.35
C GLN A 461 -2.35 -57.55 19.20
N ASN A 462 -3.41 -57.01 19.79
CA ASN A 462 -4.35 -57.83 20.56
C ASN A 462 -4.90 -58.98 19.70
N HIS A 463 -5.15 -58.71 18.42
CA HIS A 463 -5.66 -59.75 17.54
C HIS A 463 -4.69 -60.92 17.43
N GLU A 464 -3.40 -60.64 17.33
CA GLU A 464 -2.42 -61.71 17.16
C GLU A 464 -2.04 -62.41 18.46
N LEU A 465 -2.25 -61.77 19.61
CA LEU A 465 -2.13 -62.49 20.89
C LEU A 465 -2.73 -63.90 20.79
N THR A 466 -3.98 -63.96 20.27
CA THR A 466 -4.68 -65.24 20.13
C THR A 466 -3.87 -66.26 19.36
N LEU A 467 -3.17 -65.81 18.31
CA LEU A 467 -2.27 -66.71 17.58
C LEU A 467 -1.13 -67.18 18.48
N TRP A 468 -0.54 -66.27 19.24
CA TRP A 468 0.64 -66.62 20.02
C TRP A 468 0.34 -67.63 21.12
N ASN A 469 -0.87 -67.65 21.68
CA ASN A 469 -1.15 -68.63 22.72
C ASN A 469 -1.07 -70.06 22.16
N GLU A 470 -1.75 -70.31 21.04
CA GLU A 470 -1.66 -71.62 20.42
C GLU A 470 -0.26 -71.93 19.95
N ALA A 471 0.43 -70.92 19.41
CA ALA A 471 1.82 -71.11 18.98
C ALA A 471 2.69 -71.60 20.14
N ARG A 472 2.55 -70.99 21.32
CA ARG A 472 3.38 -71.39 22.45
C ARG A 472 2.98 -72.75 22.98
N LYS A 473 1.71 -73.13 22.85
CA LYS A 473 1.37 -74.52 23.13
C LYS A 473 2.08 -75.46 22.16
N LEU A 474 2.28 -75.04 20.91
CA LEU A 474 2.92 -75.92 19.93
C LEU A 474 4.42 -76.04 20.17
N ASN A 475 5.08 -74.94 20.52
CA ASN A 475 6.55 -74.92 20.60
C ASN A 475 6.96 -73.89 21.64
N PRO A 476 6.89 -74.25 22.92
CA PRO A 476 7.17 -73.26 23.97
C PRO A 476 8.61 -72.75 23.98
N ASN A 477 9.56 -73.55 23.49
CA ASN A 477 10.96 -73.15 23.53
C ASN A 477 11.20 -71.94 22.63
N ALA A 478 10.74 -72.00 21.38
CA ALA A 478 10.97 -70.90 20.45
C ALA A 478 10.12 -69.69 20.81
N ILE A 479 8.85 -69.90 21.16
CA ILE A 479 7.96 -68.79 21.49
C ILE A 479 8.48 -68.05 22.71
N ALA A 480 8.89 -68.79 23.74
CA ALA A 480 9.47 -68.14 24.92
C ALA A 480 10.80 -67.50 24.58
N SER A 481 11.60 -68.14 23.71
CA SER A 481 12.88 -67.57 23.33
C SER A 481 12.72 -66.22 22.65
N VAL A 482 11.65 -66.06 21.88
CA VAL A 482 11.37 -64.76 21.26
C VAL A 482 10.83 -63.78 22.30
N THR A 483 9.79 -64.19 23.03
CA THR A 483 9.07 -63.30 23.93
C THR A 483 9.91 -62.87 25.15
N VAL A 484 10.99 -63.58 25.46
CA VAL A 484 11.80 -63.25 26.63
C VAL A 484 13.05 -62.46 26.22
N GLY A 485 13.60 -62.74 25.03
CA GLY A 485 14.75 -62.02 24.52
C GLY A 485 16.04 -62.82 24.47
N ARG A 486 16.04 -64.04 25.01
CA ARG A 486 17.21 -64.89 24.99
C ARG A 486 16.76 -66.33 24.82
N ARG A 487 17.71 -67.18 24.44
CA ARG A 487 17.42 -68.60 24.23
C ARG A 487 17.11 -69.24 25.58
N VAL A 488 15.85 -69.65 25.77
CA VAL A 488 15.39 -70.27 27.00
C VAL A 488 14.68 -71.57 26.66
N SER A 489 14.31 -72.31 27.71
CA SER A 489 13.45 -73.46 27.60
C SER A 489 12.19 -73.20 28.42
N ALA A 490 11.07 -73.76 27.96
CA ALA A 490 9.78 -73.44 28.56
C ALA A 490 8.84 -74.63 28.45
N ARG A 491 7.86 -74.66 29.35
CA ARG A 491 6.77 -75.61 29.28
C ARG A 491 5.62 -75.07 30.11
N MET A 492 4.43 -75.60 29.86
CA MET A 492 3.21 -75.09 30.47
C MET A 492 3.00 -75.72 31.85
N LEU A 493 2.82 -74.87 32.85
CA LEU A 493 2.38 -75.31 34.18
C LEU A 493 0.89 -74.99 34.34
N GLY A 494 0.09 -75.72 33.56
CA GLY A 494 -1.34 -75.50 33.54
C GLY A 494 -1.73 -74.40 32.57
N ASP A 495 -1.84 -73.16 33.08
CA ASP A 495 -2.19 -72.02 32.25
C ASP A 495 -1.10 -70.95 32.18
N VAL A 496 0.07 -71.21 32.79
CA VAL A 496 1.17 -70.26 32.80
C VAL A 496 2.43 -70.97 32.30
N MET A 497 3.41 -70.18 31.88
CA MET A 497 4.63 -70.70 31.28
C MET A 497 5.77 -70.72 32.29
N ALA A 498 6.69 -71.67 32.09
CA ALA A 498 7.89 -71.80 32.92
C ALA A 498 9.10 -71.85 32.00
N VAL A 499 10.10 -71.00 32.29
CA VAL A 499 11.27 -70.86 31.43
C VAL A 499 12.53 -71.04 32.28
N SER A 500 13.66 -71.16 31.57
CA SER A 500 14.97 -71.22 32.19
C SER A 500 16.02 -70.94 31.12
N THR A 501 17.04 -70.18 31.48
CA THR A 501 18.04 -69.72 30.51
C THR A 501 18.97 -70.86 30.15
N CYS A 502 19.18 -71.08 28.84
CA CYS A 502 20.03 -72.14 28.37
C CYS A 502 21.50 -71.78 28.55
N VAL A 503 22.39 -72.65 28.07
CA VAL A 503 23.83 -72.44 28.17
C VAL A 503 24.41 -72.39 26.76
N PRO A 504 25.07 -71.30 26.37
CA PRO A 504 25.66 -71.23 25.03
C PRO A 504 26.89 -72.12 24.90
N VAL A 505 27.25 -72.39 23.64
CA VAL A 505 28.41 -73.21 23.29
C VAL A 505 29.01 -72.64 22.03
N ALA A 506 30.33 -72.42 22.04
CA ALA A 506 31.02 -71.87 20.89
C ALA A 506 30.90 -72.79 19.69
N ALA A 507 30.80 -72.20 18.50
CA ALA A 507 30.56 -72.98 17.29
C ALA A 507 31.74 -73.89 16.94
N ASP A 508 32.96 -73.49 17.29
CA ASP A 508 34.12 -74.33 17.03
C ASP A 508 34.21 -75.52 17.98
N ASN A 509 33.34 -75.58 18.98
CA ASN A 509 33.32 -76.67 19.96
C ASN A 509 32.10 -77.58 19.76
N VAL A 510 31.76 -77.87 18.51
CA VAL A 510 30.66 -78.79 18.19
C VAL A 510 31.10 -79.62 16.99
N ILE A 511 30.83 -80.93 17.04
CA ILE A 511 31.33 -81.87 16.03
C ILE A 511 30.17 -82.75 15.56
N VAL A 512 29.86 -82.69 14.28
CA VAL A 512 28.89 -83.59 13.68
C VAL A 512 29.56 -84.93 13.38
N GLN A 513 28.95 -86.02 13.81
CA GLN A 513 29.49 -87.34 13.53
C GLN A 513 29.15 -87.77 12.11
N ASN A 514 30.01 -88.63 11.56
CA ASN A 514 29.86 -89.04 10.16
C ASN A 514 28.56 -89.79 9.94
N SER A 515 28.42 -90.96 10.55
CA SER A 515 27.31 -91.86 10.27
C SER A 515 26.12 -91.58 11.17
N MET A 516 24.92 -91.76 10.62
CA MET A 516 23.67 -91.63 11.36
C MET A 516 23.04 -92.97 11.66
N ARG A 517 23.80 -94.06 11.51
CA ARG A 517 23.34 -95.41 11.82
C ARG A 517 24.20 -96.00 12.92
N ILE A 518 23.55 -96.55 13.94
CA ILE A 518 24.24 -97.19 15.05
C ILE A 518 24.59 -98.62 14.66
N SER A 519 25.87 -98.95 14.70
CA SER A 519 26.32 -100.27 14.31
C SER A 519 25.91 -101.35 15.31
N SER A 520 25.67 -100.96 16.56
CA SER A 520 25.39 -101.96 17.61
C SER A 520 24.14 -102.76 17.29
N ARG A 521 23.03 -102.08 17.00
CA ARG A 521 21.83 -102.75 16.50
C ARG A 521 21.53 -102.30 15.08
N PRO A 522 21.82 -103.12 14.08
CA PRO A 522 21.45 -102.80 12.70
C PRO A 522 19.94 -102.79 12.52
N GLY A 523 19.50 -102.09 11.47
CA GLY A 523 18.09 -101.86 11.22
C GLY A 523 17.51 -100.65 11.92
N ALA A 524 18.29 -99.99 12.78
CA ALA A 524 17.85 -98.78 13.46
C ALA A 524 18.92 -97.72 13.27
N CYS A 525 18.55 -96.64 12.61
CA CYS A 525 19.45 -95.52 12.36
C CYS A 525 18.94 -94.29 13.09
N TYR A 526 19.85 -93.52 13.68
CA TYR A 526 19.43 -92.31 14.38
C TYR A 526 18.70 -91.38 13.43
N SER A 527 17.56 -90.84 13.88
CA SER A 527 16.71 -90.03 13.01
C SER A 527 17.29 -88.65 12.78
N ARG A 528 17.99 -88.08 13.75
CA ARG A 528 18.66 -86.81 13.59
C ARG A 528 20.15 -86.97 13.86
N PRO A 529 21.00 -86.17 13.23
CA PRO A 529 22.45 -86.38 13.36
C PRO A 529 22.91 -86.09 14.78
N LEU A 530 23.71 -87.01 15.31
CA LEU A 530 24.28 -86.84 16.64
C LEU A 530 25.59 -86.07 16.55
N VAL A 531 25.88 -85.31 17.60
CA VAL A 531 27.06 -84.46 17.67
C VAL A 531 27.83 -84.78 18.94
N SER A 532 28.96 -84.11 19.11
CA SER A 532 29.80 -84.23 20.30
C SER A 532 30.52 -82.89 20.47
N PHE A 533 30.41 -82.32 21.67
CA PHE A 533 30.79 -80.92 21.87
C PHE A 533 31.49 -80.76 23.22
N ARG A 534 31.88 -79.53 23.51
CA ARG A 534 32.53 -79.21 24.78
C ARG A 534 32.17 -77.78 25.16
N TYR A 535 32.10 -77.53 26.46
CA TYR A 535 31.62 -76.24 26.98
C TYR A 535 32.74 -75.22 27.12
N GLU A 536 33.85 -75.61 27.74
CA GLU A 536 35.05 -74.80 27.76
C GLU A 536 36.04 -75.33 26.73
N ASP A 537 36.93 -74.45 26.27
CA ASP A 537 37.92 -74.85 25.28
C ASP A 537 38.96 -75.82 25.83
N GLN A 538 38.83 -76.24 27.09
CA GLN A 538 39.67 -77.26 27.67
C GLN A 538 38.88 -78.34 28.39
N GLY A 539 37.56 -78.26 28.41
CA GLY A 539 36.74 -79.17 29.19
C GLY A 539 36.54 -80.50 28.50
N PRO A 540 35.85 -81.39 29.20
CA PRO A 540 35.61 -82.74 28.66
C PRO A 540 34.63 -82.71 27.50
N LEU A 541 34.67 -83.77 26.70
CA LEU A 541 33.75 -83.93 25.58
C LEU A 541 32.44 -84.54 26.06
N VAL A 542 31.37 -84.21 25.33
CA VAL A 542 30.01 -84.65 25.67
C VAL A 542 29.34 -85.14 24.40
N GLU A 543 28.70 -86.31 24.48
CA GLU A 543 27.93 -86.85 23.37
C GLU A 543 26.52 -86.30 23.40
N GLY A 544 26.00 -85.94 22.23
CA GLY A 544 24.67 -85.40 22.12
C GLY A 544 24.05 -85.62 20.75
N GLN A 545 22.94 -84.95 20.47
CA GLN A 545 22.27 -85.07 19.19
C GLN A 545 21.75 -83.71 18.77
N LEU A 546 21.74 -83.47 17.45
CA LEU A 546 21.33 -82.18 16.92
C LEU A 546 19.82 -82.07 16.89
N GLY A 547 19.29 -81.10 17.61
CA GLY A 547 17.88 -80.77 17.55
C GLY A 547 17.59 -79.71 16.50
N GLU A 548 16.46 -79.04 16.68
CA GLU A 548 16.05 -77.96 15.78
C GLU A 548 16.68 -76.64 16.23
N ASN A 549 17.13 -75.86 15.24
CA ASN A 549 17.65 -74.51 15.46
C ASN A 549 18.86 -74.52 16.40
N ASN A 550 19.91 -75.22 15.98
CA ASN A 550 21.21 -75.23 16.63
C ASN A 550 21.15 -75.64 18.10
N GLU A 551 20.12 -76.38 18.50
CA GLU A 551 20.03 -76.89 19.86
C GLU A 551 20.79 -78.20 19.96
N LEU A 552 21.50 -78.37 21.07
CA LEU A 552 22.26 -79.58 21.35
C LEU A 552 21.47 -80.43 22.35
N ARG A 553 20.89 -81.52 21.87
CA ARG A 553 20.15 -82.44 22.73
C ARG A 553 21.12 -83.46 23.34
N LEU A 554 20.83 -83.85 24.58
CA LEU A 554 21.70 -84.74 25.32
C LEU A 554 21.27 -86.20 25.28
N THR A 555 19.98 -86.47 25.10
CA THR A 555 19.48 -87.84 25.04
C THR A 555 19.30 -88.23 23.57
N ARG A 556 20.04 -89.24 23.14
CA ARG A 556 20.00 -89.71 21.75
C ARG A 556 18.84 -90.68 21.49
N ASP A 557 17.64 -90.35 21.97
CA ASP A 557 16.47 -91.19 21.79
C ASP A 557 15.75 -90.93 20.47
N ALA A 558 16.36 -90.16 19.56
CA ALA A 558 15.79 -89.87 18.26
C ALA A 558 16.33 -90.90 17.27
N ILE A 559 15.55 -91.97 17.04
CA ILE A 559 15.93 -93.06 16.16
C ILE A 559 14.91 -93.16 15.03
N GLU A 560 15.08 -94.13 14.14
CA GLU A 560 14.16 -94.38 13.04
C GLU A 560 14.58 -95.64 12.30
N PRO A 561 13.63 -96.44 11.82
CA PRO A 561 13.98 -97.60 11.00
C PRO A 561 14.61 -97.16 9.69
N CYS A 562 15.83 -97.65 9.45
CA CYS A 562 16.61 -97.23 8.30
C CYS A 562 15.86 -97.47 7.00
N THR A 563 15.81 -96.46 6.15
CA THR A 563 15.03 -96.51 4.93
C THR A 563 15.90 -96.10 3.74
N VAL A 564 15.65 -96.74 2.60
CA VAL A 564 16.33 -96.38 1.37
C VAL A 564 15.68 -95.12 0.80
N GLY A 565 16.51 -94.22 0.28
CA GLY A 565 16.04 -92.91 -0.15
C GLY A 565 16.19 -91.81 0.88
N HIS A 566 16.87 -92.09 1.98
CA HIS A 566 17.05 -91.11 3.04
C HIS A 566 17.90 -89.95 2.52
N ARG A 567 17.45 -88.74 2.82
CA ARG A 567 18.11 -87.54 2.30
C ARG A 567 17.59 -86.36 3.13
N ARG A 568 18.45 -85.78 3.96
CA ARG A 568 18.01 -84.79 4.92
C ARG A 568 19.01 -83.65 5.05
N TYR A 569 18.48 -82.45 5.26
CA TYR A 569 19.22 -81.27 5.68
C TYR A 569 18.85 -80.93 7.11
N PHE A 570 19.85 -80.54 7.91
CA PHE A 570 19.62 -80.14 9.30
C PHE A 570 20.31 -78.82 9.56
N THR A 571 19.65 -77.94 10.32
CA THR A 571 20.26 -76.65 10.68
C THR A 571 21.49 -76.89 11.55
N PHE A 572 22.63 -76.34 11.11
CA PHE A 572 23.90 -76.53 11.80
C PHE A 572 24.71 -75.25 11.71
N GLY A 573 25.07 -74.69 12.87
CA GLY A 573 25.80 -73.43 12.89
C GLY A 573 24.99 -72.32 12.27
N GLY A 574 25.62 -71.55 11.39
CA GLY A 574 24.92 -70.54 10.62
C GLY A 574 24.53 -71.06 9.24
N GLY A 575 24.28 -72.37 9.16
CA GLY A 575 23.94 -72.97 7.88
C GLY A 575 23.25 -74.32 8.03
N TYR A 576 23.64 -75.28 7.19
CA TYR A 576 23.02 -76.58 7.14
C TYR A 576 24.08 -77.68 7.06
N VAL A 577 23.63 -78.91 7.31
CA VAL A 577 24.42 -80.10 7.09
C VAL A 577 23.55 -81.09 6.32
N TYR A 578 24.16 -81.80 5.39
CA TYR A 578 23.43 -82.64 4.44
C TYR A 578 23.89 -84.08 4.57
N PHE A 579 22.93 -84.98 4.80
CA PHE A 579 23.14 -86.41 4.91
C PHE A 579 22.35 -87.12 3.83
N GLU A 580 22.98 -88.07 3.15
CA GLU A 580 22.31 -88.90 2.15
C GLU A 580 22.48 -90.37 2.55
N GLU A 581 21.36 -91.07 2.71
CA GLU A 581 21.35 -92.48 3.12
C GLU A 581 22.06 -92.66 4.46
N TYR A 582 21.74 -91.79 5.41
CA TYR A 582 22.29 -91.83 6.76
C TYR A 582 23.81 -91.73 6.76
N ALA A 583 24.38 -91.10 5.73
CA ALA A 583 25.81 -90.91 5.61
C ALA A 583 26.10 -89.43 5.48
N TYR A 584 27.08 -88.95 6.24
CA TYR A 584 27.46 -87.54 6.16
C TYR A 584 27.88 -87.18 4.75
N SER A 585 27.04 -86.41 4.04
CA SER A 585 27.47 -85.87 2.76
C SER A 585 28.36 -84.65 2.98
N HIS A 586 27.78 -83.52 3.38
CA HIS A 586 28.59 -82.32 3.51
C HIS A 586 27.78 -81.18 4.12
N GLN A 587 28.48 -80.27 4.79
CA GLN A 587 27.85 -79.04 5.24
C GLN A 587 27.56 -78.13 4.04
N LEU A 588 26.68 -77.16 4.26
CA LEU A 588 26.17 -76.35 3.14
C LEU A 588 25.61 -75.06 3.71
N SER A 589 26.17 -73.92 3.28
CA SER A 589 25.77 -72.64 3.85
C SER A 589 24.47 -72.14 3.22
N ARG A 590 23.92 -71.07 3.81
CA ARG A 590 22.54 -70.67 3.53
C ARG A 590 22.33 -70.28 2.07
N ALA A 591 23.38 -69.79 1.40
CA ALA A 591 23.20 -69.17 0.09
C ALA A 591 22.76 -70.13 -1.00
N ASP A 592 22.99 -71.44 -0.82
CA ASP A 592 22.80 -72.41 -1.89
C ASP A 592 21.44 -73.10 -1.83
N ILE A 593 20.43 -72.43 -1.30
CA ILE A 593 19.07 -72.94 -1.29
C ILE A 593 18.12 -71.79 -1.62
N THR A 594 17.30 -71.95 -2.65
CA THR A 594 16.38 -70.90 -3.06
C THR A 594 15.48 -70.49 -1.89
N THR A 595 15.34 -69.19 -1.68
CA THR A 595 14.71 -68.64 -0.49
C THR A 595 13.35 -68.03 -0.84
N VAL A 596 12.34 -68.38 -0.07
CA VAL A 596 11.05 -67.69 -0.08
C VAL A 596 10.93 -66.94 1.24
N SER A 597 10.07 -65.92 1.23
CA SER A 597 9.96 -65.01 2.36
C SER A 597 8.51 -64.92 2.83
N THR A 598 8.34 -64.84 4.15
CA THR A 598 7.03 -64.61 4.75
C THR A 598 6.76 -63.14 5.03
N PHE A 599 7.70 -62.26 4.68
CA PHE A 599 7.61 -60.84 4.99
C PHE A 599 6.83 -60.10 3.91
N ILE A 600 6.29 -58.94 4.29
CA ILE A 600 5.61 -58.03 3.39
C ILE A 600 6.39 -56.73 3.38
N ASP A 601 6.79 -56.30 2.19
CA ASP A 601 7.68 -55.14 2.08
C ASP A 601 6.92 -53.84 2.34
N LEU A 602 7.67 -52.82 2.73
CA LEU A 602 7.15 -51.46 2.85
C LEU A 602 8.33 -50.50 2.75
N ASN A 603 8.20 -49.49 1.89
CA ASN A 603 9.31 -48.62 1.51
C ASN A 603 8.98 -47.20 1.92
N ILE A 604 9.76 -46.66 2.86
CA ILE A 604 9.56 -45.31 3.37
C ILE A 604 10.88 -44.56 3.24
N THR A 605 10.86 -43.50 2.42
CA THR A 605 12.00 -42.60 2.28
C THR A 605 11.62 -41.25 2.89
N MET A 606 12.53 -40.68 3.68
CA MET A 606 12.26 -39.41 4.33
C MET A 606 12.08 -38.30 3.30
N LEU A 607 11.23 -37.33 3.62
CA LEU A 607 11.07 -36.14 2.79
C LEU A 607 12.33 -35.30 2.87
N GLU A 608 12.98 -35.09 1.72
CA GLU A 608 14.27 -34.43 1.68
C GLU A 608 14.14 -32.96 2.10
N ASP A 609 15.28 -32.39 2.48
CA ASP A 609 15.32 -30.96 2.82
C ASP A 609 15.09 -30.11 1.57
N HIS A 610 14.59 -28.90 1.80
CA HIS A 610 14.34 -27.96 0.70
C HIS A 610 14.53 -26.55 1.23
N GLU A 611 15.34 -25.76 0.53
CA GLU A 611 15.65 -24.39 0.93
C GLU A 611 14.83 -23.41 0.12
N PHE A 612 14.30 -22.39 0.79
CA PHE A 612 13.52 -21.33 0.17
C PHE A 612 14.39 -20.09 0.05
N VAL A 613 14.70 -19.71 -1.19
CA VAL A 613 15.49 -18.51 -1.46
C VAL A 613 14.58 -17.30 -1.45
N PRO A 614 15.06 -16.12 -1.06
CA PRO A 614 14.19 -14.94 -1.05
C PRO A 614 13.83 -14.52 -2.47
N LEU A 615 12.56 -14.15 -2.65
CA LEU A 615 12.05 -13.80 -3.96
C LEU A 615 11.15 -12.58 -3.86
N GLU A 616 11.34 -11.63 -4.77
CA GLU A 616 10.55 -10.42 -4.86
C GLU A 616 10.16 -10.19 -6.31
N VAL A 617 8.88 -9.88 -6.54
CA VAL A 617 8.44 -9.51 -7.88
C VAL A 617 8.94 -8.12 -8.25
N TYR A 618 8.77 -7.16 -7.34
CA TYR A 618 9.27 -5.81 -7.50
C TYR A 618 9.94 -5.36 -6.21
N THR A 619 11.15 -4.81 -6.32
CA THR A 619 11.79 -4.22 -5.16
C THR A 619 11.29 -2.80 -4.95
N ARG A 620 11.45 -2.30 -3.72
CA ARG A 620 10.95 -0.96 -3.41
C ARG A 620 11.70 0.12 -4.17
N HIS A 621 12.91 -0.17 -4.67
CA HIS A 621 13.61 0.79 -5.50
C HIS A 621 12.93 0.93 -6.86
N GLU A 622 12.47 -0.18 -7.43
CA GLU A 622 11.69 -0.13 -8.66
C GLU A 622 10.37 0.60 -8.44
N ILE A 623 9.79 0.47 -7.24
CA ILE A 623 8.54 1.17 -6.94
C ILE A 623 8.78 2.66 -6.80
N LYS A 624 9.87 3.05 -6.13
CA LYS A 624 10.23 4.46 -6.05
C LYS A 624 10.52 5.02 -7.43
N ASP A 625 11.11 4.21 -8.31
CA ASP A 625 11.36 4.63 -9.69
C ASP A 625 10.13 4.55 -10.57
N SER A 626 9.03 3.95 -10.08
CA SER A 626 7.82 3.86 -10.88
C SER A 626 7.24 5.25 -11.17
N GLY A 627 7.32 6.15 -10.19
CA GLY A 627 6.83 7.50 -10.41
C GLY A 627 7.66 8.20 -11.48
N LEU A 628 6.97 8.93 -12.36
CA LEU A 628 7.65 9.57 -13.46
C LEU A 628 8.55 10.70 -12.99
N LEU A 629 8.27 11.28 -11.82
CA LEU A 629 9.05 12.38 -11.27
C LEU A 629 9.18 12.18 -9.76
N ASP A 630 10.35 11.73 -9.32
CA ASP A 630 10.66 11.74 -7.89
C ASP A 630 10.86 13.19 -7.47
N TYR A 631 9.94 13.68 -6.64
CA TYR A 631 9.94 15.10 -6.26
C TYR A 631 11.24 15.51 -5.59
N THR A 632 11.78 14.64 -4.71
CA THR A 632 12.98 14.99 -3.97
C THR A 632 14.17 15.22 -4.89
N GLU A 633 14.39 14.31 -5.83
CA GLU A 633 15.55 14.44 -6.72
C GLU A 633 15.44 15.68 -7.60
N VAL A 634 14.23 15.96 -8.09
CA VAL A 634 13.99 17.19 -8.85
C VAL A 634 14.37 18.41 -8.01
N GLN A 635 13.92 18.43 -6.75
CA GLN A 635 14.25 19.55 -5.88
C GLN A 635 15.75 19.69 -5.69
N ARG A 636 16.44 18.59 -5.38
CA ARG A 636 17.87 18.67 -5.14
C ARG A 636 18.63 19.14 -6.37
N ARG A 637 18.22 18.69 -7.56
CA ARG A 637 18.88 19.16 -8.77
C ARG A 637 18.62 20.65 -8.98
N ASN A 638 17.36 21.08 -8.85
CA ASN A 638 17.01 22.44 -9.21
C ASN A 638 17.46 23.48 -8.17
N GLN A 639 17.80 23.07 -6.96
CA GLN A 639 18.29 24.01 -5.95
C GLN A 639 19.81 24.20 -6.00
N LEU A 640 20.47 23.73 -7.05
CA LEU A 640 21.91 23.88 -7.21
C LEU A 640 22.27 24.88 -8.31
N HIS A 641 21.30 25.67 -8.78
CA HIS A 641 21.53 26.48 -9.97
C HIS A 641 22.47 27.64 -9.69
N ASP A 642 22.32 28.29 -8.53
CA ASP A 642 23.17 29.43 -8.22
C ASP A 642 24.60 28.99 -7.94
N LEU A 643 24.77 27.94 -7.13
CA LEU A 643 26.09 27.39 -6.88
C LEU A 643 26.66 26.64 -8.09
N ARG A 644 25.89 26.48 -9.17
CA ARG A 644 26.37 25.81 -10.36
C ARG A 644 26.48 26.71 -11.59
N PHE A 645 26.02 27.96 -11.52
CA PHE A 645 26.07 28.81 -12.71
C PHE A 645 26.26 30.30 -12.41
N ALA A 646 26.45 30.70 -11.16
CA ALA A 646 26.59 32.12 -10.86
C ALA A 646 27.70 32.37 -9.85
N ASP A 647 27.57 33.44 -9.06
CA ASP A 647 28.52 33.74 -7.99
C ASP A 647 27.72 34.39 -6.87
N ILE A 648 27.41 33.61 -5.84
CA ILE A 648 26.56 34.09 -4.76
C ILE A 648 27.24 35.19 -3.95
N ASP A 649 28.56 35.11 -3.80
CA ASP A 649 29.26 35.92 -2.80
C ASP A 649 29.75 37.26 -3.32
N THR A 650 30.16 37.34 -4.58
CA THR A 650 30.74 38.58 -5.09
C THR A 650 29.72 39.72 -5.02
N VAL A 651 30.20 40.90 -4.65
CA VAL A 651 29.36 42.08 -4.48
C VAL A 651 29.93 43.21 -5.34
N ILE A 652 29.13 43.72 -6.27
CA ILE A 652 29.51 44.84 -7.12
C ILE A 652 28.86 46.09 -6.52
N HIS A 653 29.64 46.84 -5.75
CA HIS A 653 29.17 48.07 -5.11
C HIS A 653 29.57 49.24 -5.99
N ALA A 654 28.59 49.77 -6.73
CA ALA A 654 28.84 50.90 -7.63
C ALA A 654 27.60 51.79 -7.74
N VAL A 682 40.46 69.44 -14.11
CA VAL A 682 40.07 69.35 -15.51
C VAL A 682 38.90 68.38 -15.67
N MET A 683 39.20 67.17 -16.15
CA MET A 683 38.16 66.17 -16.39
C MET A 683 37.49 65.73 -15.09
N GLY A 684 38.26 65.65 -14.00
CA GLY A 684 37.67 65.31 -12.71
C GLY A 684 36.73 66.38 -12.20
N ILE A 685 37.05 67.66 -12.47
CA ILE A 685 36.22 68.77 -12.02
C ILE A 685 34.85 68.73 -12.69
N VAL A 686 34.82 68.59 -14.02
CA VAL A 686 33.54 68.64 -14.74
C VAL A 686 32.64 67.49 -14.32
N GLY A 687 33.13 66.25 -14.44
CA GLY A 687 32.28 65.09 -14.15
C GLY A 687 31.71 65.09 -12.75
N GLY A 688 32.57 65.32 -11.75
CA GLY A 688 32.11 65.32 -10.37
C GLY A 688 31.13 66.46 -10.07
N VAL A 689 31.45 67.67 -10.53
CA VAL A 689 30.58 68.81 -10.31
C VAL A 689 29.26 68.64 -11.08
N VAL A 690 29.34 68.13 -12.31
CA VAL A 690 28.13 67.81 -13.07
C VAL A 690 27.25 66.83 -12.31
N SER A 691 27.83 65.74 -11.80
CA SER A 691 27.06 64.74 -11.07
C SER A 691 26.40 65.35 -9.83
N ALA A 692 27.13 66.21 -9.11
CA ALA A 692 26.56 66.86 -7.94
C ALA A 692 25.35 67.71 -8.30
N VAL A 693 25.50 68.55 -9.34
CA VAL A 693 24.41 69.45 -9.72
C VAL A 693 23.21 68.64 -10.22
N SER A 694 23.48 67.54 -10.94
CA SER A 694 22.40 66.66 -11.38
C SER A 694 21.70 66.02 -10.17
N GLY A 695 22.47 65.68 -9.14
CA GLY A 695 21.86 65.27 -7.88
C GLY A 695 21.10 66.40 -7.21
N VAL A 696 21.68 67.61 -7.21
CA VAL A 696 20.99 68.79 -6.68
C VAL A 696 19.72 69.06 -7.47
N SER A 697 19.79 68.95 -8.80
CA SER A 697 18.59 69.09 -9.62
C SER A 697 17.53 68.06 -9.23
N SER A 698 17.97 66.83 -8.93
CA SER A 698 17.03 65.76 -8.66
C SER A 698 16.34 65.90 -7.31
N PHE A 699 16.89 66.74 -6.42
CA PHE A 699 16.33 66.94 -5.09
C PHE A 699 14.87 67.36 -5.17
N PHE A 704 9.93 69.57 -2.79
CA PHE A 704 11.37 69.78 -2.76
C PHE A 704 11.83 70.78 -3.82
N GLY A 705 12.83 70.39 -4.60
CA GLY A 705 13.30 71.24 -5.69
C GLY A 705 12.29 71.41 -6.82
N ALA A 706 11.34 70.47 -6.97
CA ALA A 706 10.36 70.59 -8.04
C ALA A 706 9.64 71.92 -8.01
N LEU A 707 9.45 72.51 -6.81
CA LEU A 707 8.91 73.86 -6.74
C LEU A 707 9.96 74.94 -7.07
N ALA A 708 11.23 74.69 -6.72
CA ALA A 708 12.27 75.70 -6.91
C ALA A 708 12.46 76.02 -8.39
N VAL A 709 12.69 75.00 -9.22
CA VAL A 709 12.89 75.23 -10.65
C VAL A 709 11.61 75.74 -11.29
N GLY A 710 10.45 75.15 -10.93
CA GLY A 710 9.19 75.64 -11.46
C GLY A 710 8.94 77.10 -11.14
N LEU A 711 9.35 77.53 -9.95
CA LEU A 711 9.22 78.93 -9.57
C LEU A 711 10.10 79.83 -10.45
N LEU A 712 11.35 79.42 -10.67
CA LEU A 712 12.24 80.20 -11.52
C LEU A 712 11.72 80.26 -12.95
N VAL A 713 11.15 79.16 -13.44
CA VAL A 713 10.60 79.15 -14.79
C VAL A 713 9.37 80.05 -14.87
N LEU A 714 8.53 80.06 -13.84
CA LEU A 714 7.39 80.96 -13.85
C LEU A 714 7.82 82.42 -13.77
N ALA A 715 8.90 82.71 -13.05
CA ALA A 715 9.42 84.07 -13.01
C ALA A 715 10.04 84.46 -14.35
N GLY A 716 10.63 83.50 -15.07
CA GLY A 716 11.17 83.79 -16.38
C GLY A 716 10.09 84.04 -17.41
N LEU A 717 9.03 83.22 -17.38
CA LEU A 717 7.89 83.46 -18.27
C LEU A 717 7.21 84.77 -17.92
N ALA A 718 7.15 85.12 -16.63
CA ALA A 718 6.53 86.37 -16.22
C ALA A 718 7.34 87.56 -16.72
N ALA A 719 8.67 87.53 -16.53
CA ALA A 719 9.52 88.61 -17.00
C ALA A 719 9.47 88.73 -18.51
N ALA A 720 9.47 87.59 -19.21
CA ALA A 720 9.34 87.60 -20.67
C ALA A 720 8.02 88.24 -21.10
N PHE A 721 6.93 87.88 -20.43
CA PHE A 721 5.62 88.42 -20.80
C PHE A 721 5.55 89.92 -20.57
N PHE A 722 5.89 90.38 -19.35
CA PHE A 722 5.75 91.79 -19.04
C PHE A 722 6.72 92.64 -19.85
N ALA A 723 7.96 92.17 -20.01
CA ALA A 723 8.90 92.88 -20.86
C ALA A 723 8.39 92.97 -22.30
N PHE A 724 7.88 91.84 -22.83
CA PHE A 724 7.35 91.84 -24.19
C PHE A 724 6.21 92.83 -24.36
N ARG A 725 5.29 92.86 -23.39
CA ARG A 725 4.19 93.82 -23.48
C ARG A 725 4.70 95.26 -23.39
N TYR A 726 5.72 95.49 -22.57
CA TYR A 726 6.30 96.83 -22.50
C TYR A 726 6.92 97.22 -23.84
N VAL A 727 7.57 96.27 -24.51
CA VAL A 727 8.14 96.53 -25.83
C VAL A 727 7.02 96.85 -26.83
N MET A 728 5.92 96.11 -26.75
CA MET A 728 4.77 96.41 -27.60
C MET A 728 4.14 97.75 -27.26
N ARG A 729 4.38 98.28 -26.06
CA ARG A 729 3.87 99.59 -25.67
C ARG A 729 4.83 100.73 -25.98
N LEU A 730 6.11 100.43 -26.20
CA LEU A 730 7.03 101.42 -26.75
C LEU A 730 6.98 101.47 -28.28
N GLN A 731 6.74 100.33 -28.92
CA GLN A 731 6.64 100.30 -30.38
C GLN A 731 5.58 101.26 -30.89
N SER A 732 4.57 101.55 -30.09
CA SER A 732 3.52 102.51 -30.41
C SER A 732 3.56 103.65 -29.40
N ASN A 733 3.64 104.89 -29.89
CA ASN A 733 3.72 106.12 -29.11
C ASN A 733 4.56 105.95 -27.86
N PRO A 734 5.89 106.02 -27.98
CA PRO A 734 6.72 105.90 -26.78
C PRO A 734 6.51 107.03 -25.78
N MET A 735 6.36 108.26 -26.28
CA MET A 735 6.34 109.43 -25.41
C MET A 735 5.23 109.36 -24.37
N LYS A 736 4.09 108.74 -24.70
CA LYS A 736 3.06 108.55 -23.69
C LYS A 736 3.48 107.50 -22.68
N ALA A 737 4.01 106.37 -23.16
CA ALA A 737 4.44 105.31 -22.26
C ALA A 737 5.79 105.60 -21.62
N LEU A 738 6.59 106.49 -22.21
CA LEU A 738 7.89 106.87 -21.66
C LEU A 738 7.84 108.14 -20.83
N TYR A 739 7.09 109.15 -21.29
CA TYR A 739 6.87 110.40 -20.55
C TYR A 739 5.38 110.53 -20.24
N PRO A 740 4.87 109.76 -19.29
CA PRO A 740 3.41 109.78 -19.02
C PRO A 740 2.92 111.10 -18.42
N LEU A 741 3.63 111.59 -17.40
CA LEU A 741 3.12 112.72 -16.61
C LEU A 741 3.18 114.02 -17.39
N THR A 742 4.24 114.23 -18.17
CA THR A 742 4.38 115.46 -18.95
C THR A 742 3.67 115.40 -20.29
N THR A 743 3.04 114.26 -20.62
CA THR A 743 2.19 114.11 -21.79
C THR A 743 0.75 113.86 -21.38
N LYS A 744 0.34 114.38 -20.23
CA LYS A 744 -0.93 113.99 -19.63
C LYS A 744 -2.11 114.70 -20.28
N GLU A 745 -2.07 116.04 -20.34
CA GLU A 745 -3.24 116.79 -20.78
C GLU A 745 -3.60 116.53 -22.25
N LEU A 746 -2.68 115.97 -23.03
CA LEU A 746 -2.96 115.56 -24.41
C LEU A 746 -3.46 116.73 -25.25
N GLU A 759 -11.85 119.06 -28.33
CA GLU A 759 -12.54 118.52 -29.48
C GLU A 759 -12.26 119.40 -30.71
N GLU A 760 -12.44 120.70 -30.54
CA GLU A 760 -12.14 121.67 -31.58
C GLU A 760 -10.82 122.37 -31.25
N GLY A 761 -9.73 121.60 -31.27
CA GLY A 761 -8.47 122.09 -30.75
C GLY A 761 -7.61 122.87 -31.71
N GLY A 762 -7.49 124.18 -31.48
CA GLY A 762 -6.64 125.05 -32.26
C GLY A 762 -5.30 125.38 -31.62
N ASP A 763 -4.99 124.76 -30.47
CA ASP A 763 -3.70 124.99 -29.82
C ASP A 763 -2.55 124.50 -30.69
N PHE A 764 -2.83 123.55 -31.58
CA PHE A 764 -1.80 122.95 -32.43
C PHE A 764 -1.01 124.03 -33.18
N ASP A 765 0.31 123.82 -33.26
CA ASP A 765 1.21 124.68 -34.00
C ASP A 765 1.92 123.82 -35.04
N GLU A 766 1.65 124.08 -36.32
CA GLU A 766 2.22 123.25 -37.39
C GLU A 766 3.74 123.38 -37.43
N ALA A 767 4.26 124.60 -37.25
CA ALA A 767 5.69 124.80 -37.32
C ALA A 767 6.41 124.14 -36.16
N LYS A 768 5.78 124.09 -34.98
CA LYS A 768 6.38 123.39 -33.85
C LYS A 768 6.53 121.90 -34.14
N LEU A 769 5.51 121.31 -34.78
CA LEU A 769 5.62 119.91 -35.16
C LEU A 769 6.70 119.70 -36.22
N ALA A 770 6.81 120.63 -37.16
CA ALA A 770 7.89 120.56 -38.14
C ALA A 770 9.24 120.71 -37.47
N GLU A 771 9.33 121.50 -36.39
CA GLU A 771 10.56 121.55 -35.61
C GLU A 771 10.83 120.22 -34.93
N ALA A 772 9.79 119.57 -34.40
CA ALA A 772 9.98 118.30 -33.71
C ALA A 772 10.41 117.21 -34.68
N ARG A 773 9.82 117.19 -35.89
CA ARG A 773 10.23 116.24 -36.90
C ARG A 773 11.73 116.34 -37.18
N GLU A 774 12.20 117.54 -37.49
CA GLU A 774 13.62 117.76 -37.76
C GLU A 774 14.48 117.43 -36.55
N MET A 775 13.96 117.69 -35.34
CA MET A 775 14.70 117.34 -34.14
C MET A 775 14.98 115.84 -34.08
N ILE A 776 13.96 115.02 -34.38
CA ILE A 776 14.10 113.57 -34.37
C ILE A 776 15.26 113.13 -35.25
N ARG A 777 15.39 113.73 -36.43
CA ARG A 777 16.46 113.37 -37.34
C ARG A 777 17.83 113.65 -36.71
N TYR A 778 18.00 114.85 -36.14
CA TYR A 778 19.27 115.16 -35.49
C TYR A 778 19.46 114.36 -34.21
N MET A 779 18.37 113.98 -33.54
CA MET A 779 18.50 113.10 -32.38
C MET A 779 19.06 111.74 -32.79
N ALA A 780 18.61 111.22 -33.93
CA ALA A 780 19.17 109.98 -34.44
C ALA A 780 20.65 110.13 -34.75
N LEU A 781 21.05 111.32 -35.22
CA LEU A 781 22.46 111.59 -35.49
C LEU A 781 23.28 111.55 -34.21
N VAL A 782 22.67 111.89 -33.07
CA VAL A 782 23.37 111.76 -31.80
C VAL A 782 23.57 110.29 -31.45
N SER A 783 22.52 109.48 -31.67
CA SER A 783 22.61 108.05 -31.35
C SER A 783 23.74 107.38 -32.11
N ALA A 784 23.87 107.70 -33.40
CA ALA A 784 24.94 107.11 -34.20
C ALA A 784 26.32 107.51 -33.68
N MET A 785 26.48 108.78 -33.29
CA MET A 785 27.73 109.22 -32.69
C MET A 785 28.00 108.49 -31.38
N GLU A 786 26.94 108.19 -30.63
CA GLU A 786 27.09 107.44 -29.39
C GLU A 786 27.52 106.00 -29.66
N ARG A 787 26.98 105.39 -30.73
CA ARG A 787 27.38 104.04 -31.10
C ARG A 787 28.87 103.97 -31.37
N THR A 788 29.40 104.94 -32.12
CA THR A 788 30.82 104.94 -32.46
C THR A 788 31.69 105.04 -31.22
N GLU A 789 31.24 105.80 -30.21
CA GLU A 789 32.02 105.93 -28.98
C GLU A 789 32.10 104.61 -28.24
N HIS A 790 30.97 103.92 -28.10
CA HIS A 790 30.96 102.65 -27.38
C HIS A 790 31.83 101.61 -28.08
N LYS A 791 31.79 101.58 -29.42
CA LYS A 791 32.57 100.60 -30.16
C LYS A 791 34.07 100.78 -29.91
N ALA A 792 34.54 102.04 -29.89
CA ALA A 792 35.94 102.30 -29.61
C ALA A 792 36.30 101.95 -28.17
N LYS A 793 35.35 102.09 -27.24
CA LYS A 793 35.62 101.80 -25.85
C LYS A 793 35.79 100.29 -25.61
N LYS A 794 35.02 99.48 -26.33
CA LYS A 794 35.08 98.03 -26.16
C LYS A 794 36.42 97.48 -26.63
#